data_5EUE
#
_entry.id   5EUE
#
_cell.length_a   85.014
_cell.length_b   129.606
_cell.length_c   84.287
_cell.angle_alpha   90.00
_cell.angle_beta   90.00
_cell.angle_gamma   90.00
#
_symmetry.space_group_name_H-M   'P 21 21 21'
#
loop_
_entity.id
_entity.type
_entity.pdbx_description
1 polymer 'Putative sphingosine-1-phosphate lyase'
2 non-polymer ~{N}-[(1~{S})-2-[(4-methoxy-2,5-dimethyl-phenyl)methylamino]-1-phenyl-ethyl]-5-methyl-1,2-oxazole-3-carboxamide
3 non-polymer 'PHOSPHATE ION'
4 water water
#
_entity_poly.entity_id   1
_entity_poly.type   'polypeptide(L)'
_entity_poly.pdbx_seq_one_letter_code
;MPLSAFSPPLPCDPARSHPTPEFPSSLQDYCEIRGIQSQPPARRDPTMDWLASLRSQIKPYRDRFPSHARLPRAGLPRAE
ILAEIAAMGAAESPAWRDGYASGAVYHGDEHHIAFLNEVYALQSQSNPLHPDLWPSTAKFEAEVVAMTAHMLGGDAAGGT
VCGTVTSGGTESLLLAMKTYRDWARATKGITAPEAVVPVSAHAAFDKAAQYFGIKLVRTPLDADYRADVAAMREAITPNT
VVVAGSAPGFPHGVVDPIPEIAALAAEHGIGCHVDACLGGFILPWAERLGYPVPPFDFRLEGVTSVSADTH(LLP)YGYG
AKGTSVILYRRPDLLHYQYFIAADWPGGIYASPTFAGSRPGALSATAWAAMLSLGEEGYLDATRRILQAADRLKAGVRAI
PSLKILGDPLWVIAVASDELNIYQVMEEMAGRGWRLNGLHRPPAFHVALTLRHTEPGVVDRFLADLQDAVAQVRAHPEKA
TGMAPVYGMAAAAPPELVRQVSTGFIDLLYEVHHHHHH
;
_entity_poly.pdbx_strand_id   A,B
#
# COMPACT_ATOMS: atom_id res chain seq x y z
N ILE A 58 21.35 10.42 5.11
CA ILE A 58 20.57 9.37 4.43
C ILE A 58 21.40 8.11 4.12
N LYS A 59 22.76 8.27 4.09
CA LYS A 59 23.69 7.17 3.81
C LYS A 59 24.85 7.09 4.85
N PRO A 60 24.57 7.01 6.19
CA PRO A 60 25.67 7.01 7.17
C PRO A 60 26.11 5.63 7.66
N TYR A 61 25.56 4.55 7.08
CA TYR A 61 25.88 3.18 7.50
C TYR A 61 26.79 2.48 6.48
N ARG A 62 27.46 3.29 5.63
CA ARG A 62 28.37 2.83 4.57
C ARG A 62 29.49 2.02 5.20
N ASP A 63 30.32 2.67 6.05
CA ASP A 63 31.42 2.04 6.78
C ASP A 63 30.91 1.16 7.95
N ARG A 64 29.95 1.66 8.77
CA ARG A 64 29.45 1.04 10.02
C ARG A 64 28.99 -0.41 9.92
N PHE A 65 28.28 -0.78 8.85
CA PHE A 65 27.73 -2.13 8.72
C PHE A 65 27.96 -2.77 7.35
N PRO A 66 28.18 -4.11 7.32
CA PRO A 66 28.41 -4.78 6.04
C PRO A 66 27.22 -4.69 5.10
N SER A 67 27.46 -4.13 3.89
CA SER A 67 26.42 -3.99 2.85
C SER A 67 26.08 -5.35 2.24
N HIS A 68 24.97 -5.44 1.47
CA HIS A 68 24.53 -6.70 0.86
C HIS A 68 23.98 -6.44 -0.51
N ALA A 69 24.77 -6.73 -1.56
CA ALA A 69 24.34 -6.58 -2.95
C ALA A 69 23.90 -7.95 -3.52
N ARG A 70 24.16 -9.03 -2.74
CA ARG A 70 23.85 -10.42 -3.06
C ARG A 70 23.48 -11.17 -1.80
N LEU A 71 22.59 -12.16 -1.93
CA LEU A 71 22.18 -13.00 -0.80
C LEU A 71 23.40 -13.73 -0.28
N PRO A 72 23.66 -13.80 1.06
CA PRO A 72 24.80 -14.60 1.54
C PRO A 72 24.57 -16.10 1.26
N ARG A 73 25.63 -16.92 1.04
CA ARG A 73 25.45 -18.34 0.74
C ARG A 73 24.68 -19.06 1.88
N ALA A 74 25.21 -18.98 3.08
CA ALA A 74 24.57 -19.51 4.26
C ALA A 74 23.84 -18.33 4.90
N GLY A 75 22.90 -18.60 5.81
CA GLY A 75 22.17 -17.55 6.49
C GLY A 75 22.96 -16.90 7.61
N LEU A 76 22.92 -15.55 7.70
CA LEU A 76 23.60 -14.82 8.77
C LEU A 76 22.81 -15.06 10.06
N PRO A 77 23.44 -15.20 11.26
CA PRO A 77 22.64 -15.42 12.49
C PRO A 77 21.63 -14.32 12.77
N ARG A 78 20.52 -14.70 13.39
CA ARG A 78 19.44 -13.82 13.75
C ARG A 78 19.89 -12.80 14.77
N ALA A 79 20.69 -13.22 15.76
CA ALA A 79 21.21 -12.32 16.80
C ALA A 79 21.95 -11.16 16.14
N GLU A 80 22.82 -11.48 15.14
CA GLU A 80 23.61 -10.54 14.35
C GLU A 80 22.72 -9.53 13.58
N ILE A 81 21.72 -10.06 12.79
CA ILE A 81 20.75 -9.25 12.04
C ILE A 81 20.05 -8.30 12.98
N LEU A 82 19.53 -8.83 14.10
CA LEU A 82 18.84 -8.02 15.09
C LEU A 82 19.77 -6.97 15.69
N ALA A 83 21.03 -7.33 15.97
CA ALA A 83 22.04 -6.44 16.55
C ALA A 83 22.28 -5.17 15.71
N GLU A 84 22.23 -5.30 14.37
CA GLU A 84 22.40 -4.20 13.41
C GLU A 84 21.20 -3.24 13.51
N ILE A 85 19.97 -3.79 13.37
CA ILE A 85 18.71 -3.03 13.41
C ILE A 85 18.58 -2.21 14.73
N ALA A 86 18.79 -2.86 15.89
CA ALA A 86 18.75 -2.18 17.19
C ALA A 86 19.85 -1.06 17.29
N ALA A 87 21.03 -1.26 16.64
CA ALA A 87 22.14 -0.28 16.59
C ALA A 87 21.77 0.94 15.75
N MET A 88 21.00 0.72 14.68
CA MET A 88 20.54 1.81 13.82
C MET A 88 19.42 2.57 14.56
N GLY A 89 18.64 1.82 15.34
CA GLY A 89 17.58 2.34 16.18
C GLY A 89 18.15 3.18 17.31
N ALA A 90 19.40 2.85 17.74
CA ALA A 90 20.12 3.61 18.75
C ALA A 90 20.53 4.95 18.16
N ALA A 91 20.84 4.99 16.87
CA ALA A 91 21.21 6.23 16.20
C ALA A 91 19.97 7.11 15.82
N GLU A 92 18.89 6.46 15.30
CA GLU A 92 17.68 7.10 14.78
C GLU A 92 16.56 7.50 15.77
N SER A 93 16.26 6.69 16.81
CA SER A 93 15.13 7.01 17.70
C SER A 93 15.25 8.36 18.47
N PRO A 94 16.42 8.83 19.02
CA PRO A 94 16.45 10.13 19.72
C PRO A 94 15.82 11.32 18.96
N ALA A 95 16.01 11.38 17.62
CA ALA A 95 15.42 12.43 16.79
C ALA A 95 13.90 12.58 17.04
N TRP A 96 13.14 11.47 16.93
CA TRP A 96 11.70 11.52 17.11
C TRP A 96 11.23 11.43 18.57
N ARG A 97 11.90 10.59 19.39
CA ARG A 97 11.60 10.33 20.80
C ARG A 97 11.68 11.62 21.62
N ASP A 98 12.72 12.42 21.39
CA ASP A 98 13.00 13.65 22.11
C ASP A 98 12.29 14.92 21.56
N GLY A 99 11.53 14.77 20.47
CA GLY A 99 10.72 15.82 19.87
C GLY A 99 11.38 16.80 18.91
N TYR A 100 12.29 16.32 18.06
CA TYR A 100 12.95 17.17 17.10
C TYR A 100 12.34 17.10 15.70
N ALA A 101 11.43 16.14 15.45
CA ALA A 101 10.85 15.99 14.12
C ALA A 101 9.43 16.54 13.98
N SER A 102 9.15 17.28 12.89
CA SER A 102 7.83 17.81 12.53
C SER A 102 6.98 16.64 11.95
N GLY A 103 5.93 16.26 12.67
CA GLY A 103 5.10 15.11 12.33
C GLY A 103 5.93 13.86 12.48
N ALA A 104 6.06 13.09 11.39
CA ALA A 104 6.81 11.82 11.24
C ALA A 104 6.35 10.68 12.18
N VAL A 105 6.32 10.92 13.53
CA VAL A 105 5.89 10.01 14.61
C VAL A 105 4.92 10.84 15.42
N TYR A 106 3.62 10.48 15.39
CA TYR A 106 2.54 11.24 16.05
C TYR A 106 2.29 10.94 17.53
N HIS A 107 2.49 9.69 17.97
CA HIS A 107 2.32 9.37 19.37
C HIS A 107 3.71 9.37 19.98
N GLY A 108 4.41 8.25 19.88
CA GLY A 108 5.79 8.13 20.35
C GLY A 108 6.01 7.70 21.79
N ASP A 109 4.95 7.36 22.52
CA ASP A 109 5.14 6.87 23.89
C ASP A 109 5.68 5.44 23.78
N GLU A 110 6.60 5.05 24.67
CA GLU A 110 7.19 3.72 24.70
C GLU A 110 6.17 2.63 24.94
N HIS A 111 5.26 2.83 25.89
CA HIS A 111 4.27 1.79 26.21
C HIS A 111 3.18 1.66 25.14
N HIS A 112 2.87 2.78 24.44
CA HIS A 112 1.88 2.80 23.37
C HIS A 112 2.43 2.06 22.14
N ILE A 113 3.69 2.37 21.74
CA ILE A 113 4.45 1.74 20.65
C ILE A 113 4.57 0.25 20.98
N ALA A 114 4.95 -0.09 22.23
CA ALA A 114 5.07 -1.47 22.70
C ALA A 114 3.73 -2.18 22.63
N PHE A 115 2.63 -1.47 22.96
CA PHE A 115 1.26 -1.99 22.88
C PHE A 115 0.90 -2.39 21.43
N LEU A 116 1.10 -1.47 20.49
CA LEU A 116 0.82 -1.71 19.09
C LEU A 116 1.80 -2.71 18.42
N ASN A 117 2.96 -2.96 19.05
CA ASN A 117 3.93 -3.92 18.53
C ASN A 117 3.45 -5.33 18.81
N GLU A 118 2.86 -5.54 19.99
CA GLU A 118 2.32 -6.79 20.48
C GLU A 118 1.05 -7.05 19.72
N VAL A 119 0.25 -5.99 19.45
CA VAL A 119 -0.96 -6.06 18.62
C VAL A 119 -0.55 -6.63 17.27
N TYR A 120 0.45 -5.99 16.61
CA TYR A 120 1.04 -6.40 15.35
C TYR A 120 1.42 -7.88 15.40
N ALA A 121 2.20 -8.29 16.41
CA ALA A 121 2.69 -9.66 16.62
C ALA A 121 1.60 -10.71 16.69
N LEU A 122 0.48 -10.44 17.43
CA LEU A 122 -0.65 -11.36 17.53
C LEU A 122 -1.34 -11.58 16.19
N GLN A 123 -1.41 -10.54 15.34
CA GLN A 123 -2.08 -10.52 14.02
C GLN A 123 -1.13 -10.45 12.80
N SER A 124 0.19 -10.70 12.97
CA SER A 124 1.22 -10.57 11.93
C SER A 124 1.01 -11.41 10.66
N GLN A 125 0.29 -12.55 10.77
CA GLN A 125 0.04 -13.44 9.63
C GLN A 125 -1.19 -13.06 8.80
N SER A 126 -2.13 -12.27 9.36
CA SER A 126 -3.39 -11.86 8.71
C SER A 126 -3.23 -11.08 7.39
N ASN A 127 -4.13 -11.40 6.45
CA ASN A 127 -4.21 -10.80 5.12
C ASN A 127 -5.71 -10.68 4.74
N PRO A 128 -6.26 -9.44 4.65
CA PRO A 128 -7.69 -9.26 4.33
C PRO A 128 -8.22 -9.88 3.04
N LEU A 129 -7.30 -10.28 2.10
CA LEU A 129 -7.65 -10.96 0.82
C LEU A 129 -8.30 -12.34 1.10
N HIS A 130 -8.11 -12.87 2.34
CA HIS A 130 -8.71 -14.12 2.83
C HIS A 130 -9.58 -13.81 4.08
N PRO A 131 -10.77 -13.18 3.90
CA PRO A 131 -11.64 -12.90 5.06
C PRO A 131 -12.13 -14.16 5.76
N ASP A 132 -12.22 -15.30 5.01
CA ASP A 132 -12.60 -16.63 5.47
C ASP A 132 -11.62 -17.12 6.55
N LEU A 133 -10.29 -16.90 6.29
CA LEU A 133 -9.14 -17.28 7.15
C LEU A 133 -8.89 -16.32 8.31
N TRP A 134 -9.12 -15.01 8.08
CA TRP A 134 -8.98 -13.96 9.10
C TRP A 134 -10.25 -13.07 9.15
N PRO A 135 -11.40 -13.60 9.63
CA PRO A 135 -12.60 -12.76 9.74
C PRO A 135 -12.46 -11.64 10.79
N SER A 136 -11.45 -11.76 11.66
CA SER A 136 -11.10 -10.78 12.70
C SER A 136 -10.67 -9.48 12.05
N THR A 137 -9.86 -9.57 10.97
CA THR A 137 -9.36 -8.40 10.24
C THR A 137 -10.48 -7.68 9.51
N ALA A 138 -11.48 -8.43 9.00
CA ALA A 138 -12.67 -7.89 8.33
C ALA A 138 -13.48 -7.16 9.40
N LYS A 139 -13.49 -7.67 10.66
CA LYS A 139 -14.12 -7.04 11.82
C LYS A 139 -13.38 -5.74 12.17
N PHE A 140 -12.05 -5.80 12.27
CA PHE A 140 -11.18 -4.66 12.57
C PHE A 140 -11.35 -3.52 11.58
N GLU A 141 -11.36 -3.83 10.26
CA GLU A 141 -11.51 -2.86 9.19
C GLU A 141 -12.90 -2.22 9.20
N ALA A 142 -13.96 -3.05 9.23
CA ALA A 142 -15.35 -2.60 9.29
C ALA A 142 -15.56 -1.72 10.55
N GLU A 143 -14.92 -2.11 11.68
CA GLU A 143 -15.07 -1.40 12.94
C GLU A 143 -14.31 -0.08 12.96
N VAL A 144 -13.13 -0.02 12.31
CA VAL A 144 -12.35 1.22 12.16
C VAL A 144 -13.23 2.21 11.34
N VAL A 145 -13.71 1.78 10.15
CA VAL A 145 -14.58 2.55 9.26
C VAL A 145 -15.83 3.06 10.03
N ALA A 146 -16.52 2.17 10.76
CA ALA A 146 -17.71 2.54 11.50
C ALA A 146 -17.45 3.68 12.51
N MET A 147 -16.35 3.56 13.30
CA MET A 147 -15.97 4.52 14.32
C MET A 147 -15.50 5.87 13.76
N THR A 148 -14.62 5.85 12.73
CA THR A 148 -14.10 7.04 12.06
C THR A 148 -15.27 7.85 11.47
N ALA A 149 -16.18 7.13 10.76
CA ALA A 149 -17.38 7.65 10.15
C ALA A 149 -18.22 8.42 11.16
N HIS A 150 -18.45 7.82 12.36
CA HIS A 150 -19.21 8.39 13.47
C HIS A 150 -18.59 9.71 13.97
N MET A 151 -17.27 9.71 14.16
CA MET A 151 -16.46 10.86 14.57
C MET A 151 -16.51 11.97 13.49
N LEU A 152 -16.79 11.61 12.21
CA LEU A 152 -16.86 12.61 11.15
C LEU A 152 -18.28 12.78 10.61
N GLY A 153 -19.21 12.93 11.55
CA GLY A 153 -20.63 13.19 11.32
C GLY A 153 -21.41 12.21 10.45
N GLY A 154 -21.10 10.93 10.57
CA GLY A 154 -21.76 9.86 9.82
C GLY A 154 -23.25 9.75 10.08
N ASP A 155 -23.66 9.90 11.35
CA ASP A 155 -25.09 9.82 11.72
C ASP A 155 -25.94 10.85 10.99
N ALA A 156 -25.41 12.09 10.88
CA ALA A 156 -26.02 13.23 10.21
C ALA A 156 -26.43 12.90 8.77
N ALA A 157 -25.55 12.16 8.04
CA ALA A 157 -25.76 11.76 6.64
C ALA A 157 -26.77 10.59 6.45
N GLY A 158 -27.59 10.32 7.47
CA GLY A 158 -28.64 9.30 7.41
C GLY A 158 -28.23 7.85 7.53
N GLY A 159 -27.10 7.59 8.17
CA GLY A 159 -26.57 6.23 8.38
C GLY A 159 -26.18 5.49 7.11
N THR A 160 -25.88 6.24 6.04
CA THR A 160 -25.50 5.68 4.75
C THR A 160 -23.99 5.78 4.50
N VAL A 161 -23.25 6.43 5.42
CA VAL A 161 -21.81 6.60 5.32
C VAL A 161 -21.12 5.24 5.44
N CYS A 162 -20.38 4.90 4.39
CA CYS A 162 -19.61 3.69 4.29
C CYS A 162 -18.22 4.08 3.80
N GLY A 163 -17.28 3.14 3.90
CA GLY A 163 -15.92 3.33 3.44
C GLY A 163 -15.07 2.10 3.66
N THR A 164 -13.77 2.20 3.31
CA THR A 164 -12.79 1.12 3.43
C THR A 164 -11.50 1.64 4.05
N VAL A 165 -10.73 0.73 4.70
CA VAL A 165 -9.43 1.03 5.31
C VAL A 165 -8.41 0.83 4.16
N THR A 166 -7.52 1.82 3.97
CA THR A 166 -6.46 1.87 2.97
C THR A 166 -5.05 1.89 3.63
N SER A 167 -3.97 2.10 2.84
CA SER A 167 -2.56 2.13 3.29
C SER A 167 -2.10 3.48 3.81
N GLY A 168 -2.61 4.52 3.20
CA GLY A 168 -2.22 5.87 3.62
C GLY A 168 -3.14 6.91 3.04
N GLY A 169 -2.88 8.15 3.43
CA GLY A 169 -3.63 9.29 2.93
C GLY A 169 -3.60 9.36 1.42
N THR A 170 -2.44 9.02 0.81
CA THR A 170 -2.25 9.02 -0.65
C THR A 170 -3.20 8.03 -1.29
N GLU A 171 -3.29 6.77 -0.75
CA GLU A 171 -4.21 5.76 -1.27
C GLU A 171 -5.63 6.31 -1.22
N SER A 172 -6.05 6.82 -0.03
CA SER A 172 -7.35 7.40 0.21
C SER A 172 -7.70 8.48 -0.80
N LEU A 173 -6.74 9.38 -1.11
CA LEU A 173 -6.91 10.48 -2.06
C LEU A 173 -6.93 10.00 -3.48
N LEU A 174 -6.08 9.02 -3.86
CA LEU A 174 -6.07 8.42 -5.20
C LEU A 174 -7.39 7.67 -5.44
N LEU A 175 -7.83 6.84 -4.47
CA LEU A 175 -9.10 6.08 -4.53
C LEU A 175 -10.33 6.98 -4.62
N ALA A 176 -10.37 8.08 -3.86
CA ALA A 176 -11.48 9.05 -3.96
C ALA A 176 -11.45 9.65 -5.37
N MET A 177 -10.29 10.12 -5.84
CA MET A 177 -10.11 10.74 -7.15
C MET A 177 -10.53 9.85 -8.27
N LYS A 178 -10.19 8.55 -8.20
CA LYS A 178 -10.55 7.52 -9.19
C LYS A 178 -12.06 7.21 -9.16
N THR A 179 -12.67 7.24 -7.95
CA THR A 179 -14.09 6.97 -7.74
C THR A 179 -14.97 8.01 -8.44
N TYR A 180 -14.70 9.32 -8.20
CA TYR A 180 -15.42 10.42 -8.83
C TYR A 180 -15.31 10.35 -10.32
N ARG A 181 -14.14 9.93 -10.83
CA ARG A 181 -13.88 9.77 -12.26
C ARG A 181 -14.86 8.72 -12.86
N ASP A 182 -14.78 7.49 -12.33
CA ASP A 182 -15.56 6.33 -12.69
C ASP A 182 -17.07 6.52 -12.54
N TRP A 183 -17.50 7.18 -11.44
CA TRP A 183 -18.87 7.55 -11.10
C TRP A 183 -19.41 8.56 -12.12
N ALA A 184 -18.64 9.67 -12.39
CA ALA A 184 -19.05 10.72 -13.35
C ALA A 184 -19.06 10.22 -14.79
N ARG A 185 -18.29 9.18 -15.12
CA ARG A 185 -18.35 8.69 -16.47
C ARG A 185 -19.63 7.87 -16.60
N ALA A 186 -19.86 6.94 -15.64
CA ALA A 186 -21.02 6.05 -15.67
C ALA A 186 -22.35 6.76 -15.50
N THR A 187 -22.42 7.83 -14.67
CA THR A 187 -23.70 8.50 -14.38
C THR A 187 -23.86 9.91 -15.01
N LYS A 188 -22.76 10.63 -15.30
CA LYS A 188 -22.84 11.97 -15.87
C LYS A 188 -22.35 12.01 -17.32
N GLY A 189 -21.68 10.95 -17.75
CA GLY A 189 -21.18 10.81 -19.11
C GLY A 189 -19.86 11.48 -19.39
N ILE A 190 -19.21 12.04 -18.35
CA ILE A 190 -17.92 12.73 -18.47
C ILE A 190 -16.80 11.74 -18.86
N THR A 191 -16.10 12.02 -19.96
CA THR A 191 -15.00 11.21 -20.49
C THR A 191 -13.68 11.99 -20.42
N ALA A 192 -13.78 13.29 -20.08
CA ALA A 192 -12.64 14.18 -19.90
C ALA A 192 -12.79 14.83 -18.52
N PRO A 193 -12.60 14.04 -17.42
CA PRO A 193 -12.77 14.61 -16.08
C PRO A 193 -11.79 15.73 -15.74
N GLU A 194 -12.25 16.62 -14.85
CA GLU A 194 -11.54 17.77 -14.30
C GLU A 194 -11.80 17.81 -12.77
N ALA A 195 -10.79 18.24 -12.00
CA ALA A 195 -10.89 18.35 -10.55
C ALA A 195 -10.38 19.71 -10.13
N VAL A 196 -11.23 20.47 -9.42
CA VAL A 196 -10.89 21.81 -8.97
C VAL A 196 -10.50 21.68 -7.48
N VAL A 197 -9.20 21.93 -7.13
CA VAL A 197 -8.62 21.88 -5.77
C VAL A 197 -7.77 23.13 -5.51
N PRO A 198 -7.57 23.62 -4.25
CA PRO A 198 -6.69 24.78 -4.04
C PRO A 198 -5.20 24.44 -4.18
N VAL A 199 -4.36 25.46 -4.45
CA VAL A 199 -2.89 25.28 -4.58
C VAL A 199 -2.30 24.54 -3.38
N SER A 200 -2.84 24.80 -2.20
CA SER A 200 -2.44 24.18 -0.94
C SER A 200 -2.80 22.67 -0.82
N ALA A 201 -3.73 22.15 -1.67
CA ALA A 201 -4.17 20.75 -1.62
C ALA A 201 -2.99 19.81 -1.86
N HIS A 202 -2.97 18.67 -1.15
CA HIS A 202 -1.86 17.70 -1.19
C HIS A 202 -1.39 17.33 -2.57
N ALA A 203 -0.07 17.13 -2.68
CA ALA A 203 0.66 16.68 -3.86
C ALA A 203 0.00 15.47 -4.53
N ALA A 204 -0.63 14.56 -3.72
CA ALA A 204 -1.34 13.35 -4.17
C ALA A 204 -2.47 13.68 -5.17
N PHE A 205 -3.01 14.91 -5.13
CA PHE A 205 -4.02 15.32 -6.12
C PHE A 205 -3.39 15.35 -7.51
N ASP A 206 -2.09 15.71 -7.58
CA ASP A 206 -1.33 15.71 -8.82
C ASP A 206 -1.04 14.30 -9.28
N LYS A 207 -0.77 13.41 -8.30
CA LYS A 207 -0.50 12.00 -8.53
C LYS A 207 -1.70 11.36 -9.23
N ALA A 208 -2.89 11.45 -8.59
CA ALA A 208 -4.17 10.94 -9.10
C ALA A 208 -4.48 11.45 -10.51
N ALA A 209 -4.30 12.78 -10.76
CA ALA A 209 -4.48 13.45 -12.04
C ALA A 209 -3.69 12.72 -13.15
N GLN A 210 -2.34 12.71 -13.04
CA GLN A 210 -1.40 12.05 -13.95
C GLN A 210 -1.78 10.58 -14.20
N TYR A 211 -2.01 9.82 -13.13
CA TYR A 211 -2.39 8.41 -13.14
C TYR A 211 -3.72 8.16 -13.85
N PHE A 212 -4.79 8.82 -13.34
CA PHE A 212 -6.13 8.52 -13.79
C PHE A 212 -6.66 9.35 -14.96
N GLY A 213 -5.81 10.19 -15.52
CA GLY A 213 -6.14 11.03 -16.67
C GLY A 213 -7.27 11.98 -16.36
N ILE A 214 -7.13 12.70 -15.20
CA ILE A 214 -8.05 13.71 -14.67
C ILE A 214 -7.32 15.05 -14.79
N LYS A 215 -7.98 16.11 -15.35
CA LYS A 215 -7.33 17.43 -15.48
C LYS A 215 -7.43 18.11 -14.13
N LEU A 216 -6.29 18.44 -13.52
CA LEU A 216 -6.30 19.10 -12.21
C LEU A 216 -6.16 20.62 -12.31
N VAL A 217 -7.21 21.31 -11.84
CA VAL A 217 -7.29 22.78 -11.85
C VAL A 217 -7.00 23.23 -10.43
N ARG A 218 -5.79 23.79 -10.21
CA ARG A 218 -5.36 24.27 -8.91
C ARG A 218 -5.66 25.76 -8.81
N THR A 219 -6.50 26.10 -7.85
CA THR A 219 -7.05 27.43 -7.63
C THR A 219 -6.36 28.21 -6.52
N PRO A 220 -6.32 29.57 -6.63
CA PRO A 220 -5.60 30.38 -5.64
C PRO A 220 -6.17 30.37 -4.22
N LEU A 221 -5.40 30.97 -3.31
CA LEU A 221 -5.68 31.10 -1.90
C LEU A 221 -5.89 32.59 -1.61
N ASP A 222 -6.40 32.90 -0.42
CA ASP A 222 -6.58 34.29 0.00
C ASP A 222 -5.46 34.68 0.96
N ALA A 223 -5.48 35.95 1.42
CA ALA A 223 -4.49 36.56 2.31
C ALA A 223 -4.23 35.79 3.59
N ASP A 224 -5.14 34.86 3.93
CA ASP A 224 -5.13 34.01 5.13
C ASP A 224 -4.72 32.59 4.78
N TYR A 225 -4.26 32.40 3.54
CA TYR A 225 -3.82 31.13 2.94
C TYR A 225 -4.96 30.08 2.84
N ARG A 226 -6.23 30.50 3.06
CA ARG A 226 -7.41 29.65 2.93
C ARG A 226 -7.79 29.70 1.45
N ALA A 227 -8.53 28.71 0.97
CA ALA A 227 -8.96 28.59 -0.41
C ALA A 227 -9.85 29.76 -0.85
N ASP A 228 -9.76 30.17 -2.12
CA ASP A 228 -10.57 31.24 -2.70
C ASP A 228 -11.73 30.56 -3.39
N VAL A 229 -12.90 30.55 -2.75
CA VAL A 229 -14.10 29.89 -3.30
C VAL A 229 -14.52 30.47 -4.65
N ALA A 230 -14.36 31.79 -4.86
CA ALA A 230 -14.72 32.44 -6.13
C ALA A 230 -13.92 31.84 -7.27
N ALA A 231 -12.58 31.74 -7.06
CA ALA A 231 -11.65 31.14 -7.99
C ALA A 231 -12.05 29.70 -8.24
N MET A 232 -12.57 29.02 -7.20
CA MET A 232 -13.01 27.64 -7.32
C MET A 232 -14.27 27.53 -8.19
N ARG A 233 -15.25 28.40 -7.91
CA ARG A 233 -16.48 28.47 -8.67
C ARG A 233 -16.18 28.72 -10.16
N GLU A 234 -15.33 29.72 -10.50
CA GLU A 234 -14.98 30.07 -11.88
C GLU A 234 -14.20 29.00 -12.65
N ALA A 235 -13.64 28.06 -11.92
CA ALA A 235 -12.88 26.95 -12.48
C ALA A 235 -13.81 25.80 -12.85
N ILE A 236 -14.97 25.71 -12.21
CA ILE A 236 -15.92 24.65 -12.47
C ILE A 236 -16.46 24.73 -13.91
N THR A 237 -16.42 23.58 -14.62
CA THR A 237 -16.93 23.43 -15.99
C THR A 237 -17.92 22.25 -15.96
N PRO A 238 -18.64 21.93 -17.07
CA PRO A 238 -19.53 20.75 -17.05
C PRO A 238 -18.81 19.41 -16.83
N ASN A 239 -17.47 19.39 -16.91
CA ASN A 239 -16.66 18.19 -16.70
C ASN A 239 -16.03 18.05 -15.32
N THR A 240 -16.26 19.02 -14.45
CA THR A 240 -15.76 18.94 -13.10
C THR A 240 -16.48 17.77 -12.45
N VAL A 241 -15.71 16.80 -11.97
CA VAL A 241 -16.25 15.59 -11.32
C VAL A 241 -16.21 15.76 -9.80
N VAL A 242 -15.24 16.56 -9.31
CA VAL A 242 -15.02 16.79 -7.90
C VAL A 242 -14.34 18.13 -7.64
N VAL A 243 -14.63 18.71 -6.45
CA VAL A 243 -14.00 19.90 -5.88
C VAL A 243 -13.51 19.50 -4.50
N ALA A 244 -12.33 19.94 -4.10
CA ALA A 244 -11.85 19.54 -2.79
C ALA A 244 -11.40 20.71 -1.93
N GLY A 245 -11.41 20.48 -0.61
CA GLY A 245 -10.95 21.38 0.45
C GLY A 245 -10.16 20.55 1.46
N SER A 246 -9.20 21.17 2.16
CA SER A 246 -8.36 20.44 3.12
C SER A 246 -8.70 20.85 4.51
N ALA A 247 -8.71 19.86 5.43
CA ALA A 247 -9.08 20.07 6.83
C ALA A 247 -8.02 19.58 7.88
N PRO A 248 -6.84 20.23 8.01
CA PRO A 248 -6.31 21.36 7.24
C PRO A 248 -5.33 20.89 6.15
N GLY A 249 -4.74 21.86 5.44
CA GLY A 249 -3.72 21.56 4.46
C GLY A 249 -2.40 21.24 5.15
N PHE A 250 -1.52 20.48 4.43
CA PHE A 250 -0.20 20.14 4.93
C PHE A 250 0.70 21.38 4.89
N PRO A 251 0.72 22.24 3.83
CA PRO A 251 1.64 23.40 3.85
C PRO A 251 1.59 24.28 5.08
N HIS A 252 0.47 25.00 5.30
CA HIS A 252 0.36 26.00 6.37
C HIS A 252 -0.61 25.66 7.49
N GLY A 253 -1.20 24.46 7.47
CA GLY A 253 -2.08 23.95 8.51
C GLY A 253 -3.37 24.73 8.68
N VAL A 254 -3.91 25.22 7.54
CA VAL A 254 -5.13 26.01 7.53
C VAL A 254 -6.30 25.16 6.98
N VAL A 255 -7.42 25.26 7.69
CA VAL A 255 -8.67 24.59 7.34
C VAL A 255 -9.36 25.46 6.30
N ASP A 256 -9.42 24.97 5.05
CA ASP A 256 -10.10 25.65 3.93
C ASP A 256 -11.60 25.93 4.31
N PRO A 257 -12.31 26.91 3.67
CA PRO A 257 -13.72 27.15 4.01
C PRO A 257 -14.68 26.04 3.51
N ILE A 258 -14.65 24.89 4.19
CA ILE A 258 -15.37 23.66 3.85
C ILE A 258 -16.88 23.89 3.66
N PRO A 259 -17.66 24.51 4.60
CA PRO A 259 -19.09 24.71 4.31
C PRO A 259 -19.43 25.33 2.95
N GLU A 260 -18.69 26.38 2.54
CA GLU A 260 -18.84 27.11 1.27
C GLU A 260 -18.42 26.28 0.04
N ILE A 261 -17.40 25.42 0.20
CA ILE A 261 -16.95 24.49 -0.86
C ILE A 261 -17.98 23.37 -1.05
N ALA A 262 -18.46 22.79 0.05
CA ALA A 262 -19.46 21.73 0.02
C ALA A 262 -20.82 22.20 -0.56
N ALA A 263 -21.16 23.51 -0.37
CA ALA A 263 -22.40 24.12 -0.90
C ALA A 263 -22.24 24.32 -2.41
N LEU A 264 -21.02 24.73 -2.84
CA LEU A 264 -20.66 24.94 -4.25
C LEU A 264 -20.74 23.60 -5.06
N ALA A 265 -20.29 22.49 -4.46
CA ALA A 265 -20.32 21.18 -5.08
C ALA A 265 -21.75 20.69 -5.22
N ALA A 266 -22.61 20.95 -4.19
CA ALA A 266 -24.02 20.53 -4.17
C ALA A 266 -24.81 21.21 -5.26
N GLU A 267 -24.58 22.54 -5.42
CA GLU A 267 -25.18 23.43 -6.41
C GLU A 267 -24.91 22.96 -7.84
N HIS A 268 -23.71 22.40 -8.12
CA HIS A 268 -23.35 21.93 -9.46
C HIS A 268 -23.51 20.45 -9.66
N GLY A 269 -23.93 19.76 -8.62
CA GLY A 269 -24.09 18.31 -8.67
C GLY A 269 -22.78 17.57 -8.89
N ILE A 270 -21.72 18.00 -8.23
CA ILE A 270 -20.41 17.39 -8.34
C ILE A 270 -20.00 16.90 -6.98
N GLY A 271 -18.91 16.17 -6.91
CA GLY A 271 -18.45 15.66 -5.64
C GLY A 271 -17.69 16.67 -4.82
N CYS A 272 -17.72 16.48 -3.51
CA CYS A 272 -16.96 17.25 -2.54
C CYS A 272 -16.20 16.34 -1.63
N HIS A 273 -14.88 16.40 -1.76
CA HIS A 273 -13.97 15.60 -0.96
C HIS A 273 -13.25 16.51 0.02
N VAL A 274 -13.32 16.14 1.29
CA VAL A 274 -12.67 16.84 2.38
C VAL A 274 -11.44 16.03 2.67
N ASP A 275 -10.28 16.59 2.37
CA ASP A 275 -9.08 15.85 2.69
C ASP A 275 -8.73 16.22 4.15
N ALA A 276 -9.22 15.37 5.05
CA ALA A 276 -8.98 15.52 6.48
C ALA A 276 -8.00 14.42 6.90
N CYS A 277 -6.98 14.13 6.07
CA CYS A 277 -5.93 13.13 6.40
C CYS A 277 -5.16 13.59 7.63
N LEU A 278 -4.90 14.89 7.72
CA LEU A 278 -4.17 15.51 8.82
C LEU A 278 -5.06 15.84 10.04
N GLY A 279 -6.24 16.44 9.83
CA GLY A 279 -7.12 16.87 10.92
C GLY A 279 -8.33 16.02 11.23
N GLY A 280 -8.47 14.88 10.56
CA GLY A 280 -9.58 13.97 10.80
C GLY A 280 -9.78 13.59 12.25
N PHE A 281 -8.66 13.30 12.97
CA PHE A 281 -8.68 12.90 14.37
C PHE A 281 -8.29 13.99 15.37
N ILE A 282 -8.17 15.27 14.90
CA ILE A 282 -7.86 16.42 15.72
C ILE A 282 -9.04 17.39 15.82
N LEU A 283 -9.57 17.81 14.66
CA LEU A 283 -10.66 18.80 14.57
C LEU A 283 -11.92 18.41 15.34
N PRO A 284 -12.42 17.14 15.34
CA PRO A 284 -13.62 16.84 16.13
C PRO A 284 -13.39 17.16 17.61
N TRP A 285 -12.15 17.04 18.07
CA TRP A 285 -11.85 17.29 19.47
C TRP A 285 -11.46 18.74 19.73
N ALA A 286 -10.90 19.43 18.73
CA ALA A 286 -10.66 20.89 18.82
C ALA A 286 -12.02 21.61 19.01
N GLU A 287 -13.06 21.19 18.25
CA GLU A 287 -14.45 21.72 18.30
C GLU A 287 -15.04 21.68 19.74
N ARG A 288 -14.95 20.51 20.38
CA ARG A 288 -15.41 20.24 21.73
C ARG A 288 -14.55 20.94 22.80
N LEU A 289 -13.33 21.36 22.45
CA LEU A 289 -12.43 22.02 23.42
C LEU A 289 -12.61 23.53 23.49
N GLY A 290 -13.29 24.11 22.52
CA GLY A 290 -13.52 25.54 22.45
C GLY A 290 -12.69 26.29 21.43
N TYR A 291 -12.03 25.55 20.52
CA TYR A 291 -11.19 26.12 19.45
C TYR A 291 -12.01 26.45 18.20
N PRO A 292 -11.64 27.49 17.41
CA PRO A 292 -12.46 27.86 16.24
C PRO A 292 -12.38 26.85 15.11
N VAL A 293 -13.41 26.02 14.94
CA VAL A 293 -13.40 25.03 13.87
C VAL A 293 -14.81 24.84 13.29
N PRO A 294 -15.00 25.26 12.02
CA PRO A 294 -16.32 25.11 11.38
C PRO A 294 -16.66 23.66 11.03
N PRO A 295 -17.96 23.30 10.77
CA PRO A 295 -18.26 21.90 10.41
C PRO A 295 -17.55 21.57 9.10
N PHE A 296 -16.81 20.48 9.08
CA PHE A 296 -15.95 20.12 7.95
C PHE A 296 -16.22 18.76 7.42
N ASP A 297 -17.06 18.00 8.11
CA ASP A 297 -17.35 16.62 7.74
C ASP A 297 -18.76 16.43 7.18
N PHE A 298 -19.33 15.21 7.37
CA PHE A 298 -20.61 14.77 6.83
C PHE A 298 -21.80 15.52 7.40
N ARG A 299 -21.59 16.38 8.42
CA ARG A 299 -22.65 17.24 8.95
C ARG A 299 -23.10 18.27 7.84
N LEU A 300 -22.23 18.49 6.79
CA LEU A 300 -22.46 19.32 5.60
C LEU A 300 -23.07 18.44 4.50
N GLU A 301 -24.28 18.80 4.00
CA GLU A 301 -25.07 18.05 3.01
C GLU A 301 -24.33 17.75 1.72
N GLY A 302 -23.53 18.70 1.25
CA GLY A 302 -22.75 18.60 0.01
C GLY A 302 -21.45 17.81 0.09
N VAL A 303 -20.95 17.51 1.32
CA VAL A 303 -19.74 16.69 1.57
C VAL A 303 -20.04 15.20 1.18
N THR A 304 -19.31 14.66 0.14
CA THR A 304 -19.60 13.33 -0.40
C THR A 304 -18.58 12.29 -0.02
N SER A 305 -17.36 12.72 0.36
CA SER A 305 -16.29 11.82 0.85
C SER A 305 -15.33 12.58 1.73
N VAL A 306 -14.75 11.89 2.71
CA VAL A 306 -13.75 12.45 3.64
C VAL A 306 -12.68 11.39 3.87
N SER A 307 -11.41 11.79 3.81
CA SER A 307 -10.29 10.91 4.13
C SER A 307 -9.73 11.38 5.48
N ALA A 308 -9.31 10.46 6.34
CA ALA A 308 -8.73 10.78 7.64
C ALA A 308 -7.71 9.74 7.93
N ASP A 309 -6.54 10.12 8.46
CA ASP A 309 -5.48 9.12 8.67
C ASP A 309 -5.37 8.62 10.07
N THR A 310 -5.65 7.32 10.26
CA THR A 310 -5.50 6.60 11.52
C THR A 310 -3.99 6.52 11.90
N HIS A 311 -3.10 6.36 10.90
CA HIS A 311 -1.66 6.26 11.17
C HIS A 311 -1.03 7.62 11.51
N TYR A 313 -2.80 11.25 13.40
CA TYR A 313 -3.33 11.59 14.73
C TYR A 313 -4.35 10.60 15.27
N GLY A 314 -4.62 9.52 14.53
CA GLY A 314 -5.48 8.43 15.00
C GLY A 314 -4.65 7.55 15.91
N TYR A 315 -3.28 7.75 15.81
CA TYR A 315 -2.16 7.19 16.54
C TYR A 315 -1.91 5.70 16.29
N GLY A 316 -2.36 5.21 15.13
CA GLY A 316 -2.10 3.83 14.72
C GLY A 316 -0.72 3.68 14.10
N ALA A 317 -0.28 2.42 13.92
CA ALA A 317 1.01 2.11 13.28
C ALA A 317 0.96 2.62 11.85
N LYS A 318 2.12 3.01 11.28
CA LYS A 318 2.14 3.48 9.88
C LYS A 318 1.64 2.36 8.93
N GLY A 319 0.89 2.76 7.91
CA GLY A 319 0.34 1.81 6.95
C GLY A 319 -1.16 1.73 6.91
N THR A 320 -1.86 2.70 7.58
CA THR A 320 -3.34 2.74 7.60
C THR A 320 -4.00 4.15 7.45
N SER A 321 -5.11 4.20 6.72
CA SER A 321 -5.97 5.36 6.52
C SER A 321 -7.40 4.88 6.27
N VAL A 322 -8.36 5.84 6.20
CA VAL A 322 -9.77 5.60 5.96
C VAL A 322 -10.27 6.56 4.87
N ILE A 323 -11.02 6.00 3.90
CA ILE A 323 -11.73 6.70 2.82
C ILE A 323 -13.22 6.48 3.04
N LEU A 324 -13.95 7.58 3.25
CA LEU A 324 -15.41 7.53 3.52
C LEU A 324 -16.22 8.16 2.45
N TYR A 325 -17.33 7.55 2.07
CA TYR A 325 -18.27 8.10 1.09
C TYR A 325 -19.64 8.27 1.76
N ARG A 326 -20.40 9.33 1.38
CA ARG A 326 -21.73 9.67 1.94
C ARG A 326 -22.75 8.51 1.79
N ARG A 327 -22.69 7.80 0.64
CA ARG A 327 -23.61 6.71 0.30
C ARG A 327 -22.87 5.51 -0.29
N PRO A 328 -23.45 4.27 -0.22
CA PRO A 328 -22.79 3.10 -0.86
C PRO A 328 -22.69 3.16 -2.39
N ASP A 329 -23.67 3.81 -3.05
CA ASP A 329 -23.64 3.95 -4.50
C ASP A 329 -22.36 4.66 -4.90
N LEU A 330 -21.91 5.67 -4.08
CA LEU A 330 -20.64 6.37 -4.31
C LEU A 330 -19.45 5.40 -4.10
N LEU A 331 -19.44 4.67 -2.97
CA LEU A 331 -18.41 3.69 -2.64
C LEU A 331 -18.21 2.58 -3.68
N HIS A 332 -19.30 2.04 -4.26
CA HIS A 332 -19.21 0.92 -5.20
C HIS A 332 -18.28 1.16 -6.40
N TYR A 333 -18.19 2.41 -6.86
CA TYR A 333 -17.30 2.85 -7.93
C TYR A 333 -15.81 2.78 -7.58
N GLN A 334 -15.46 2.56 -6.30
CA GLN A 334 -14.07 2.45 -5.90
C GLN A 334 -13.57 1.05 -6.19
N TYR A 335 -14.48 0.07 -6.08
CA TYR A 335 -14.19 -1.34 -6.28
C TYR A 335 -13.79 -1.69 -7.68
N PHE A 336 -13.05 -2.80 -7.83
CA PHE A 336 -12.71 -3.42 -9.11
C PHE A 336 -13.16 -4.90 -9.03
N ILE A 337 -13.98 -5.34 -10.01
CA ILE A 337 -14.43 -6.75 -10.04
C ILE A 337 -14.02 -7.39 -11.36
N ALA A 338 -13.29 -8.52 -11.26
CA ALA A 338 -12.87 -9.33 -12.41
C ALA A 338 -13.71 -10.61 -12.38
N ALA A 339 -14.54 -10.79 -13.42
CA ALA A 339 -15.45 -11.92 -13.49
C ALA A 339 -15.03 -13.08 -14.38
N ASP A 340 -14.11 -12.87 -15.34
CA ASP A 340 -13.74 -13.91 -16.32
C ASP A 340 -12.27 -14.38 -16.25
N TRP A 341 -11.65 -14.22 -15.08
CA TRP A 341 -10.26 -14.64 -14.88
C TRP A 341 -10.22 -16.12 -14.45
N PRO A 342 -9.44 -17.02 -15.14
CA PRO A 342 -9.35 -18.41 -14.66
C PRO A 342 -9.07 -18.55 -13.16
N GLY A 343 -8.46 -17.55 -12.56
CA GLY A 343 -8.13 -17.54 -11.13
C GLY A 343 -9.30 -17.36 -10.16
N GLY A 344 -10.50 -17.28 -10.70
CA GLY A 344 -11.73 -17.09 -9.94
C GLY A 344 -12.15 -15.63 -9.90
N ILE A 345 -13.26 -15.37 -9.17
CA ILE A 345 -13.88 -14.05 -8.96
C ILE A 345 -13.00 -13.21 -8.04
N TYR A 346 -12.46 -12.14 -8.60
CA TYR A 346 -11.58 -11.23 -7.90
C TYR A 346 -12.30 -9.90 -7.70
N ALA A 347 -12.42 -9.50 -6.44
CA ALA A 347 -13.08 -8.27 -6.04
C ALA A 347 -12.20 -7.56 -5.01
N SER A 348 -11.78 -6.34 -5.32
CA SER A 348 -10.92 -5.59 -4.45
C SER A 348 -11.40 -4.15 -4.27
N PRO A 349 -11.57 -3.75 -2.98
CA PRO A 349 -12.06 -2.39 -2.70
C PRO A 349 -11.00 -1.30 -2.79
N THR A 350 -9.78 -1.63 -2.39
CA THR A 350 -8.68 -0.66 -2.40
C THR A 350 -7.76 -0.95 -3.60
N PHE A 351 -6.63 -0.24 -3.71
CA PHE A 351 -5.62 -0.38 -4.76
C PHE A 351 -4.95 -1.76 -4.74
N ALA A 352 -4.66 -2.31 -3.55
CA ALA A 352 -3.95 -3.57 -3.35
C ALA A 352 -4.83 -4.79 -3.19
N GLY A 353 -4.25 -5.96 -3.49
CA GLY A 353 -4.86 -7.27 -3.31
C GLY A 353 -4.48 -7.81 -1.94
N SER A 354 -3.22 -8.21 -1.76
CA SER A 354 -2.73 -8.67 -0.45
C SER A 354 -2.48 -7.44 0.41
N ARG A 355 -3.12 -7.41 1.57
CA ARG A 355 -3.09 -6.27 2.48
C ARG A 355 -2.49 -6.64 3.86
N PRO A 356 -1.62 -5.80 4.50
CA PRO A 356 -1.09 -6.18 5.81
C PRO A 356 -2.18 -6.01 6.87
N GLY A 357 -2.82 -7.12 7.18
CA GLY A 357 -3.92 -7.18 8.13
C GLY A 357 -3.54 -6.76 9.53
N ALA A 358 -2.30 -7.04 9.94
CA ALA A 358 -1.78 -6.69 11.25
C ALA A 358 -1.86 -5.18 11.53
N LEU A 359 -1.80 -4.34 10.46
CA LEU A 359 -1.83 -2.89 10.59
C LEU A 359 -3.24 -2.34 10.74
N SER A 360 -4.24 -3.04 10.22
CA SER A 360 -5.65 -2.67 10.40
C SER A 360 -5.97 -2.84 11.90
N ALA A 361 -5.43 -3.94 12.50
CA ALA A 361 -5.55 -4.27 13.93
C ALA A 361 -4.91 -3.18 14.81
N THR A 362 -3.73 -2.62 14.45
CA THR A 362 -3.11 -1.52 15.23
C THR A 362 -3.98 -0.27 15.18
N ALA A 363 -4.64 0.01 14.02
CA ALA A 363 -5.54 1.17 13.88
C ALA A 363 -6.73 0.99 14.82
N TRP A 364 -7.30 -0.25 14.86
CA TRP A 364 -8.44 -0.63 15.69
C TRP A 364 -8.06 -0.52 17.16
N ALA A 365 -6.95 -1.21 17.56
CA ALA A 365 -6.39 -1.21 18.91
C ALA A 365 -6.18 0.21 19.40
N ALA A 366 -5.57 1.11 18.58
CA ALA A 366 -5.28 2.51 18.95
C ALA A 366 -6.56 3.33 19.25
N MET A 367 -7.57 3.21 18.39
CA MET A 367 -8.84 3.89 18.55
C MET A 367 -9.54 3.43 19.83
N LEU A 368 -9.58 2.11 20.06
CA LEU A 368 -10.18 1.53 21.26
C LEU A 368 -9.41 1.84 22.52
N SER A 369 -8.07 1.97 22.47
CA SER A 369 -7.23 2.20 23.64
C SER A 369 -7.39 3.64 24.12
N LEU A 370 -7.54 4.55 23.18
CA LEU A 370 -7.69 5.96 23.43
C LEU A 370 -9.14 6.37 23.79
N GLY A 371 -10.10 6.03 22.92
CA GLY A 371 -11.48 6.44 23.11
C GLY A 371 -11.64 7.95 23.00
N GLU A 372 -12.89 8.44 22.99
CA GLU A 372 -13.18 9.87 22.87
C GLU A 372 -12.40 10.75 23.88
N GLU A 373 -12.14 10.21 25.09
CA GLU A 373 -11.41 10.83 26.17
C GLU A 373 -9.91 10.92 25.85
N GLY A 374 -9.38 9.83 25.28
CA GLY A 374 -7.98 9.76 24.86
C GLY A 374 -7.67 10.79 23.80
N TYR A 375 -8.56 10.92 22.78
CA TYR A 375 -8.40 11.91 21.72
C TYR A 375 -8.53 13.35 22.24
N LEU A 376 -9.48 13.61 23.19
CA LEU A 376 -9.66 14.95 23.81
C LEU A 376 -8.41 15.36 24.56
N ASP A 377 -7.84 14.41 25.31
CA ASP A 377 -6.63 14.66 26.08
C ASP A 377 -5.48 15.00 25.13
N ALA A 378 -5.20 14.07 24.21
CA ALA A 378 -4.17 14.17 23.18
C ALA A 378 -4.27 15.49 22.40
N THR A 379 -5.47 15.80 21.85
CA THR A 379 -5.74 17.02 21.09
C THR A 379 -5.45 18.27 21.93
N ARG A 380 -5.92 18.30 23.21
CA ARG A 380 -5.73 19.44 24.11
C ARG A 380 -4.23 19.71 24.32
N ARG A 381 -3.46 18.65 24.66
CA ARG A 381 -2.02 18.71 24.84
C ARG A 381 -1.34 19.41 23.62
N ILE A 382 -1.60 18.88 22.41
CA ILE A 382 -1.12 19.40 21.13
C ILE A 382 -1.52 20.88 20.87
N LEU A 383 -2.82 21.23 21.03
CA LEU A 383 -3.28 22.61 20.81
C LEU A 383 -2.71 23.61 21.86
N GLN A 384 -2.45 23.16 23.10
CA GLN A 384 -1.83 24.00 24.13
C GLN A 384 -0.34 24.16 23.81
N ALA A 385 0.33 23.11 23.31
CA ALA A 385 1.73 23.21 22.89
C ALA A 385 1.76 24.18 21.74
N ALA A 386 0.74 24.11 20.84
CA ALA A 386 0.63 24.95 19.66
C ALA A 386 0.37 26.39 20.01
N ASP A 387 -0.46 26.63 21.06
CA ASP A 387 -0.83 27.96 21.53
C ASP A 387 0.44 28.69 21.98
N ARG A 388 1.26 27.97 22.78
CA ARG A 388 2.52 28.36 23.37
C ARG A 388 3.58 28.60 22.29
N LEU A 389 3.68 27.72 21.26
CA LEU A 389 4.67 27.85 20.19
C LEU A 389 4.34 29.08 19.35
N LYS A 390 3.04 29.29 19.02
CA LYS A 390 2.58 30.42 18.21
C LYS A 390 2.90 31.72 18.89
N ALA A 391 2.63 31.76 20.21
CA ALA A 391 2.88 32.92 21.09
C ALA A 391 4.34 33.38 21.02
N GLY A 392 5.26 32.41 21.04
CA GLY A 392 6.69 32.66 20.97
C GLY A 392 7.20 33.18 19.64
N VAL A 393 6.70 32.61 18.51
CA VAL A 393 7.09 33.02 17.16
C VAL A 393 6.58 34.46 16.91
N ARG A 394 5.33 34.74 17.34
CA ARG A 394 4.70 36.06 17.24
C ARG A 394 5.40 37.06 18.18
N ALA A 395 6.39 36.61 18.97
CA ALA A 395 7.15 37.44 19.89
C ALA A 395 8.59 37.70 19.40
N ILE A 396 8.92 37.21 18.18
CA ILE A 396 10.19 37.41 17.49
C ILE A 396 9.77 38.15 16.19
N PRO A 397 9.60 39.51 16.22
CA PRO A 397 9.03 40.22 15.05
C PRO A 397 9.86 40.25 13.75
N SER A 398 10.82 39.32 13.60
CA SER A 398 11.58 39.16 12.38
C SER A 398 10.92 38.03 11.57
N LEU A 399 10.04 37.23 12.24
CA LEU A 399 9.28 36.08 11.73
C LEU A 399 7.77 36.29 11.78
N LYS A 400 7.06 35.63 10.86
CA LYS A 400 5.60 35.66 10.72
C LYS A 400 5.03 34.26 10.53
N ILE A 401 3.82 34.05 11.09
CA ILE A 401 3.10 32.80 10.86
C ILE A 401 2.13 33.00 9.65
N LEU A 402 2.13 32.04 8.72
CA LEU A 402 1.24 32.16 7.56
C LEU A 402 -0.18 31.67 7.93
N GLY A 403 -1.14 32.61 7.88
CA GLY A 403 -2.52 32.38 8.30
C GLY A 403 -2.62 32.15 9.79
N ASP A 404 -3.75 31.57 10.25
CA ASP A 404 -3.90 31.26 11.68
C ASP A 404 -4.08 29.76 11.86
N PRO A 405 -2.98 29.00 11.94
CA PRO A 405 -3.11 27.55 12.11
C PRO A 405 -3.38 27.16 13.56
N LEU A 406 -3.92 25.96 13.75
CA LEU A 406 -4.17 25.46 15.07
C LEU A 406 -3.03 24.62 15.62
N TRP A 407 -2.30 23.85 14.78
CA TRP A 407 -1.18 23.02 15.28
C TRP A 407 -0.08 22.71 14.24
N VAL A 408 -0.35 22.87 12.94
CA VAL A 408 0.68 22.68 11.90
C VAL A 408 1.10 24.11 11.53
N ILE A 409 2.19 24.58 12.18
CA ILE A 409 2.67 25.97 12.15
C ILE A 409 3.75 26.23 11.11
N ALA A 410 3.45 27.10 10.16
CA ALA A 410 4.37 27.50 9.11
C ALA A 410 4.93 28.88 9.42
N VAL A 411 6.27 29.02 9.38
CA VAL A 411 6.87 30.29 9.70
C VAL A 411 7.77 30.71 8.54
N ALA A 412 7.55 31.96 8.10
CA ALA A 412 8.26 32.64 7.01
C ALA A 412 8.91 33.96 7.53
N SER A 413 9.66 34.66 6.65
CA SER A 413 10.28 35.93 6.99
C SER A 413 10.43 36.85 5.80
N ASP A 414 9.81 38.04 5.89
CA ASP A 414 9.91 39.13 4.91
C ASP A 414 11.29 39.84 4.99
N GLU A 415 12.00 39.71 6.13
CA GLU A 415 13.29 40.35 6.40
C GLU A 415 14.53 39.47 6.23
N LEU A 416 14.42 38.14 6.36
CA LEU A 416 15.61 37.29 6.23
C LEU A 416 15.36 35.92 5.58
N ASN A 417 16.46 35.22 5.23
CA ASN A 417 16.44 33.90 4.60
C ASN A 417 16.03 32.85 5.62
N ILE A 418 14.74 32.47 5.55
CA ILE A 418 14.10 31.47 6.40
C ILE A 418 14.79 30.10 6.23
N TYR A 419 15.28 29.81 5.01
CA TYR A 419 16.00 28.57 4.71
C TYR A 419 17.22 28.47 5.56
N GLN A 420 17.97 29.59 5.71
CA GLN A 420 19.15 29.64 6.57
C GLN A 420 18.72 29.53 8.02
N VAL A 421 17.60 30.19 8.41
CA VAL A 421 17.06 30.10 9.78
C VAL A 421 16.84 28.61 10.11
N MET A 422 16.13 27.91 9.20
CA MET A 422 15.82 26.50 9.26
C MET A 422 17.10 25.68 9.44
N GLU A 423 18.19 26.00 8.70
CA GLU A 423 19.52 25.37 8.81
C GLU A 423 20.14 25.51 10.24
N GLU A 424 19.96 26.71 10.85
CA GLU A 424 20.45 26.98 12.21
C GLU A 424 19.78 26.02 13.19
N MET A 425 18.45 25.81 13.02
CA MET A 425 17.62 24.90 13.80
C MET A 425 18.05 23.49 13.53
N ALA A 426 18.28 23.15 12.23
CA ALA A 426 18.77 21.85 11.78
C ALA A 426 20.05 21.50 12.56
N GLY A 427 21.01 22.44 12.64
CA GLY A 427 22.21 22.27 13.45
C GLY A 427 21.93 22.02 14.93
N ARG A 428 20.79 22.51 15.48
CA ARG A 428 20.42 22.26 16.87
C ARG A 428 19.68 20.89 17.05
N GLY A 429 19.49 20.17 15.94
CA GLY A 429 18.85 18.86 15.94
C GLY A 429 17.44 18.80 15.38
N TRP A 430 16.87 19.96 15.03
CA TRP A 430 15.52 20.05 14.49
C TRP A 430 15.37 19.48 13.08
N ARG A 431 14.28 18.76 12.86
CA ARG A 431 13.93 18.15 11.58
C ARG A 431 12.59 18.77 11.14
N LEU A 432 12.71 19.94 10.53
CA LEU A 432 11.60 20.76 10.06
C LEU A 432 11.35 20.48 8.59
N ASN A 433 10.16 20.87 8.11
CA ASN A 433 9.75 20.66 6.73
C ASN A 433 10.03 21.92 5.93
N GLY A 434 10.85 21.77 4.91
CA GLY A 434 11.16 22.86 4.00
C GLY A 434 10.02 23.08 3.04
N LEU A 435 9.55 24.33 2.98
CA LEU A 435 8.43 24.78 2.13
C LEU A 435 8.87 25.86 1.12
N HIS A 436 8.14 25.95 0.01
CA HIS A 436 8.33 27.00 -0.98
C HIS A 436 6.97 27.58 -1.42
N ARG A 437 6.99 28.63 -2.26
CA ARG A 437 5.79 29.30 -2.79
C ARG A 437 4.76 29.65 -1.70
N PRO A 438 5.06 30.45 -0.64
CA PRO A 438 6.31 31.19 -0.33
C PRO A 438 7.39 30.40 0.42
N PRO A 439 8.67 30.88 0.39
CA PRO A 439 9.71 30.17 1.15
C PRO A 439 9.44 30.31 2.65
N ALA A 440 9.16 29.17 3.26
CA ALA A 440 8.88 29.06 4.69
C ALA A 440 9.26 27.63 5.16
N PHE A 441 8.99 27.30 6.43
CA PHE A 441 9.18 25.97 7.00
C PHE A 441 8.01 25.70 7.94
N HIS A 442 7.69 24.41 8.18
CA HIS A 442 6.60 24.17 9.12
C HIS A 442 6.98 23.19 10.22
N VAL A 443 6.19 23.21 11.31
CA VAL A 443 6.27 22.34 12.49
C VAL A 443 4.87 21.74 12.64
N ALA A 444 4.70 20.43 12.31
CA ALA A 444 3.44 19.73 12.54
C ALA A 444 3.58 19.16 13.92
N LEU A 445 2.91 19.76 14.90
CA LEU A 445 3.06 19.36 16.29
C LEU A 445 2.35 18.06 16.62
N THR A 446 3.00 17.21 17.42
CA THR A 446 2.49 15.91 17.85
C THR A 446 2.62 15.81 19.36
N LEU A 447 2.24 14.65 19.93
CA LEU A 447 2.35 14.34 21.37
C LEU A 447 3.84 14.38 21.81
N ARG A 448 4.75 14.24 20.85
CA ARG A 448 6.17 14.31 21.11
C ARG A 448 6.62 15.72 21.49
N HIS A 449 5.85 16.76 21.10
CA HIS A 449 6.15 18.17 21.39
C HIS A 449 5.37 18.71 22.62
N THR A 450 4.56 17.84 23.23
CA THR A 450 3.78 18.15 24.42
C THR A 450 4.53 17.67 25.65
N GLU A 451 5.66 17.00 25.42
CA GLU A 451 6.52 16.51 26.48
C GLU A 451 7.24 17.68 27.18
N PRO A 452 7.64 17.53 28.47
CA PRO A 452 8.34 18.63 29.18
C PRO A 452 9.48 19.32 28.45
N GLY A 453 9.32 20.63 28.28
CA GLY A 453 10.29 21.58 27.70
C GLY A 453 10.70 21.47 26.24
N VAL A 454 9.88 20.81 25.39
CA VAL A 454 10.14 20.62 23.95
C VAL A 454 9.82 21.94 23.20
N VAL A 455 8.67 22.57 23.47
CA VAL A 455 8.25 23.86 22.90
C VAL A 455 9.18 24.98 23.38
N ASP A 456 9.65 24.89 24.66
CA ASP A 456 10.59 25.85 25.25
C ASP A 456 11.95 25.74 24.56
N ARG A 457 12.41 24.49 24.28
CA ARG A 457 13.66 24.21 23.55
C ARG A 457 13.55 24.79 22.10
N PHE A 458 12.43 24.51 21.40
CA PHE A 458 12.13 25.03 20.05
C PHE A 458 12.22 26.56 20.02
N LEU A 459 11.59 27.21 21.00
CA LEU A 459 11.56 28.66 21.10
C LEU A 459 12.96 29.25 21.37
N ALA A 460 13.71 28.63 22.29
CA ALA A 460 15.07 29.05 22.58
C ALA A 460 15.90 28.91 21.30
N ASP A 461 15.97 27.69 20.72
CA ASP A 461 16.71 27.45 19.50
C ASP A 461 16.33 28.39 18.34
N LEU A 462 15.07 28.90 18.32
CA LEU A 462 14.60 29.78 17.25
C LEU A 462 15.07 31.20 17.44
N GLN A 463 15.10 31.70 18.71
CA GLN A 463 15.59 33.05 19.05
C GLN A 463 17.05 33.17 18.62
N ASP A 464 17.85 32.11 18.84
CA ASP A 464 19.26 32.02 18.47
C ASP A 464 19.40 31.99 16.96
N ALA A 465 18.60 31.12 16.30
CA ALA A 465 18.53 30.95 14.83
C ALA A 465 18.31 32.27 14.12
N VAL A 466 17.32 33.06 14.59
CA VAL A 466 17.00 34.37 14.04
C VAL A 466 18.23 35.27 14.16
N ALA A 467 18.71 35.50 15.42
CA ALA A 467 19.91 36.29 15.74
C ALA A 467 21.14 35.98 14.83
N GLN A 468 21.49 34.70 14.64
CA GLN A 468 22.61 34.26 13.79
C GLN A 468 22.46 34.72 12.34
N VAL A 469 21.25 34.58 11.76
CA VAL A 469 20.94 35.00 10.39
C VAL A 469 20.84 36.53 10.35
N ARG A 470 20.29 37.16 11.42
CA ARG A 470 20.16 38.61 11.59
C ARG A 470 21.56 39.27 11.59
N ALA A 471 22.58 38.51 12.05
CA ALA A 471 23.97 38.95 12.10
C ALA A 471 24.74 38.64 10.80
N HIS A 472 24.31 37.59 10.05
CA HIS A 472 24.97 37.21 8.79
C HIS A 472 23.93 37.00 7.66
N PRO A 473 23.20 38.06 7.22
CA PRO A 473 22.15 37.88 6.20
C PRO A 473 22.52 37.18 4.90
N GLU A 474 23.80 37.16 4.51
CA GLU A 474 24.24 36.50 3.27
C GLU A 474 24.70 35.04 3.49
N LYS A 475 24.59 34.54 4.75
CA LYS A 475 24.96 33.16 5.13
C LYS A 475 23.99 32.16 4.50
N ALA A 476 24.54 31.09 3.89
CA ALA A 476 23.81 30.02 3.22
C ALA A 476 24.67 28.76 3.33
N THR A 477 24.50 28.07 4.46
CA THR A 477 25.26 26.87 4.79
C THR A 477 24.41 25.62 4.78
N GLY A 478 25.03 24.52 4.37
CA GLY A 478 24.40 23.20 4.32
C GLY A 478 23.30 23.04 3.29
N MET A 479 22.06 22.91 3.80
CA MET A 479 20.86 22.68 3.01
C MET A 479 20.18 23.97 2.55
N ALA A 480 20.53 25.11 3.18
CA ALA A 480 20.00 26.43 2.85
C ALA A 480 20.20 26.83 1.35
N PRO A 481 21.40 26.67 0.72
CA PRO A 481 21.51 27.02 -0.71
C PRO A 481 20.81 26.01 -1.65
N VAL A 482 20.45 24.82 -1.12
CA VAL A 482 19.74 23.78 -1.85
C VAL A 482 18.29 24.22 -1.98
N TYR A 483 17.68 24.66 -0.87
CA TYR A 483 16.30 25.13 -0.83
C TYR A 483 16.13 26.40 -1.68
N GLY A 484 17.15 27.27 -1.65
CA GLY A 484 17.20 28.52 -2.39
C GLY A 484 17.28 28.36 -3.91
N MET A 485 18.06 27.37 -4.39
CA MET A 485 18.19 27.09 -5.82
C MET A 485 16.92 26.40 -6.34
N ALA A 486 16.30 25.57 -5.48
CA ALA A 486 15.06 24.81 -5.74
C ALA A 486 13.81 25.69 -5.82
N ALA A 487 13.69 26.71 -4.93
CA ALA A 487 12.55 27.63 -4.88
C ALA A 487 12.37 28.39 -6.20
N ALA A 488 13.49 28.73 -6.87
CA ALA A 488 13.52 29.40 -8.18
C ALA A 488 14.34 28.52 -9.15
N ALA A 489 13.70 27.43 -9.64
CA ALA A 489 14.33 26.48 -10.55
C ALA A 489 13.34 25.97 -11.59
N PRO A 490 13.76 25.85 -12.88
CA PRO A 490 12.86 25.28 -13.92
C PRO A 490 12.34 23.91 -13.48
N PRO A 491 11.04 23.55 -13.72
CA PRO A 491 10.54 22.27 -13.19
C PRO A 491 11.35 21.03 -13.61
N GLU A 492 12.00 21.09 -14.78
CA GLU A 492 12.84 20.01 -15.28
C GLU A 492 14.09 19.84 -14.43
N LEU A 493 14.63 20.94 -13.87
CA LEU A 493 15.79 20.83 -12.97
C LEU A 493 15.36 20.12 -11.67
N VAL A 494 14.18 20.49 -11.12
CA VAL A 494 13.58 19.90 -9.92
C VAL A 494 13.22 18.41 -10.21
N ARG A 495 13.04 18.08 -11.49
CA ARG A 495 12.70 16.73 -11.95
C ARG A 495 13.96 15.88 -11.97
N GLN A 496 15.05 16.40 -12.58
CA GLN A 496 16.37 15.76 -12.71
C GLN A 496 17.06 15.54 -11.36
N VAL A 497 16.85 16.46 -10.40
CA VAL A 497 17.46 16.35 -9.08
C VAL A 497 16.69 15.32 -8.24
N SER A 498 15.34 15.40 -8.21
CA SER A 498 14.49 14.47 -7.46
C SER A 498 14.69 13.04 -7.92
N THR A 499 14.83 12.85 -9.23
CA THR A 499 15.10 11.56 -9.86
C THR A 499 16.45 11.02 -9.33
N GLY A 500 17.47 11.90 -9.37
CA GLY A 500 18.82 11.62 -8.89
C GLY A 500 18.85 11.25 -7.43
N PHE A 501 18.03 11.94 -6.61
CA PHE A 501 17.86 11.72 -5.18
C PHE A 501 17.19 10.36 -4.90
N ILE A 502 16.11 10.02 -5.64
CA ILE A 502 15.43 8.71 -5.49
C ILE A 502 16.42 7.57 -5.82
N ASP A 503 17.22 7.75 -6.91
CA ASP A 503 18.27 6.84 -7.37
C ASP A 503 19.32 6.68 -6.24
N LEU A 504 19.70 7.82 -5.61
CA LEU A 504 20.65 7.85 -4.50
C LEU A 504 20.24 6.99 -3.32
N LEU A 505 18.91 6.81 -3.12
CA LEU A 505 18.39 5.97 -2.05
C LEU A 505 18.48 4.47 -2.37
N TYR A 506 18.51 4.08 -3.66
CA TYR A 506 18.52 2.66 -3.97
C TYR A 506 19.94 2.11 -4.26
N GLU A 507 21.00 2.98 -4.13
CA GLU A 507 22.42 2.60 -4.26
C GLU A 507 22.84 1.64 -3.15
N VAL A 508 23.74 0.67 -3.45
CA VAL A 508 24.22 -0.29 -2.44
C VAL A 508 25.74 -0.20 -2.25
N TYR B 61 -18.49 -14.13 14.11
CA TYR B 61 -18.22 -13.39 15.34
C TYR B 61 -19.38 -12.52 15.88
N ARG B 62 -20.49 -12.38 15.09
CA ARG B 62 -21.71 -11.56 15.32
C ARG B 62 -22.05 -11.27 16.79
N ASP B 63 -22.03 -12.32 17.64
CA ASP B 63 -22.31 -12.22 19.08
C ASP B 63 -21.11 -12.68 19.90
N ARG B 64 -20.14 -13.39 19.25
CA ARG B 64 -18.90 -13.93 19.85
C ARG B 64 -18.09 -12.85 20.56
N PHE B 65 -18.03 -11.64 19.95
CA PHE B 65 -17.31 -10.46 20.46
C PHE B 65 -18.15 -9.20 20.42
N PRO B 66 -17.90 -8.21 21.32
CA PRO B 66 -18.69 -6.96 21.24
C PRO B 66 -18.27 -6.09 20.07
N SER B 67 -19.26 -5.67 19.27
CA SER B 67 -19.10 -4.81 18.10
C SER B 67 -18.69 -3.42 18.56
N HIS B 68 -17.93 -2.72 17.71
CA HIS B 68 -17.49 -1.35 17.96
C HIS B 68 -17.83 -0.46 16.76
N ALA B 69 -19.06 0.08 16.75
CA ALA B 69 -19.52 0.94 15.66
C ALA B 69 -19.26 2.43 15.96
N ARG B 70 -18.86 2.72 17.18
CA ARG B 70 -18.61 4.06 17.68
C ARG B 70 -17.41 3.97 18.61
N LEU B 71 -16.64 5.05 18.74
CA LEU B 71 -15.51 5.07 19.66
C LEU B 71 -16.05 4.98 21.07
N PRO B 72 -15.44 4.18 21.99
CA PRO B 72 -15.92 4.18 23.37
C PRO B 72 -15.65 5.56 23.99
N ARG B 73 -16.42 6.00 24.98
CA ARG B 73 -16.20 7.31 25.63
C ARG B 73 -14.78 7.37 26.22
N ALA B 74 -14.47 6.42 27.11
CA ALA B 74 -13.15 6.27 27.71
C ALA B 74 -12.48 5.09 26.99
N GLY B 75 -11.17 5.15 26.85
CA GLY B 75 -10.41 4.11 26.19
C GLY B 75 -10.43 2.83 26.98
N LEU B 76 -10.54 1.70 26.29
CA LEU B 76 -10.53 0.38 26.92
C LEU B 76 -9.11 0.03 27.36
N PRO B 77 -8.94 -0.74 28.49
CA PRO B 77 -7.58 -1.15 28.91
C PRO B 77 -6.86 -1.90 27.80
N ARG B 78 -5.55 -1.63 27.67
CA ARG B 78 -4.65 -2.21 26.66
C ARG B 78 -4.60 -3.70 26.77
N ALA B 79 -4.57 -4.22 28.03
CA ALA B 79 -4.60 -5.65 28.36
C ALA B 79 -5.88 -6.30 27.84
N GLU B 80 -7.02 -5.58 27.96
CA GLU B 80 -8.32 -6.05 27.52
C GLU B 80 -8.34 -6.24 26.01
N ILE B 81 -7.83 -5.22 25.23
CA ILE B 81 -7.78 -5.21 23.74
C ILE B 81 -6.95 -6.37 23.22
N LEU B 82 -5.77 -6.62 23.83
CA LEU B 82 -4.87 -7.70 23.43
C LEU B 82 -5.54 -9.06 23.57
N ALA B 83 -6.17 -9.28 24.74
CA ALA B 83 -6.91 -10.49 25.05
C ALA B 83 -7.97 -10.82 23.98
N GLU B 84 -8.70 -9.80 23.47
CA GLU B 84 -9.74 -9.94 22.42
C GLU B 84 -9.09 -10.37 21.09
N ILE B 85 -8.00 -9.69 20.68
CA ILE B 85 -7.25 -9.97 19.45
C ILE B 85 -6.64 -11.39 19.50
N ALA B 86 -6.08 -11.77 20.65
CA ALA B 86 -5.49 -13.11 20.90
C ALA B 86 -6.56 -14.19 20.87
N ALA B 87 -7.80 -13.87 21.36
CA ALA B 87 -8.95 -14.77 21.38
C ALA B 87 -9.32 -15.15 19.92
N MET B 88 -9.47 -14.11 19.06
CA MET B 88 -9.74 -14.20 17.62
C MET B 88 -8.57 -14.91 16.92
N GLY B 89 -7.35 -14.59 17.34
CA GLY B 89 -6.17 -15.23 16.77
C GLY B 89 -6.21 -16.74 16.93
N ALA B 90 -6.30 -17.24 18.18
CA ALA B 90 -6.35 -18.66 18.55
C ALA B 90 -7.39 -19.51 17.80
N ALA B 91 -8.53 -18.92 17.38
CA ALA B 91 -9.57 -19.61 16.59
C ALA B 91 -9.16 -19.69 15.07
N GLU B 92 -8.36 -18.69 14.60
CA GLU B 92 -7.89 -18.52 13.22
C GLU B 92 -6.54 -19.13 12.87
N SER B 93 -5.63 -19.21 13.85
CA SER B 93 -4.28 -19.73 13.66
C SER B 93 -4.21 -21.23 13.30
N PRO B 94 -4.95 -22.19 13.94
CA PRO B 94 -4.80 -23.60 13.57
C PRO B 94 -5.01 -23.89 12.09
N ALA B 95 -6.02 -23.25 11.47
CA ALA B 95 -6.38 -23.40 10.06
C ALA B 95 -5.19 -23.33 9.10
N TRP B 96 -4.26 -22.37 9.32
CA TRP B 96 -3.07 -22.26 8.46
C TRP B 96 -1.85 -22.98 9.07
N ARG B 97 -1.73 -23.00 10.41
CA ARG B 97 -0.61 -23.63 11.13
C ARG B 97 -0.51 -25.14 10.87
N ASP B 98 -1.66 -25.82 10.70
CA ASP B 98 -1.75 -27.27 10.44
C ASP B 98 -1.76 -27.59 8.93
N GLY B 99 -1.41 -26.59 8.13
CA GLY B 99 -1.27 -26.69 6.68
C GLY B 99 -2.53 -27.02 5.91
N TYR B 100 -3.67 -26.52 6.36
CA TYR B 100 -4.94 -26.76 5.67
C TYR B 100 -5.17 -25.70 4.59
N ALA B 101 -4.53 -24.52 4.73
CA ALA B 101 -4.67 -23.40 3.79
C ALA B 101 -3.68 -23.43 2.61
N SER B 102 -4.22 -23.41 1.39
CA SER B 102 -3.47 -23.36 0.14
C SER B 102 -2.97 -21.91 0.03
N GLY B 103 -1.64 -21.72 0.12
CA GLY B 103 -1.02 -20.41 0.09
C GLY B 103 -1.38 -19.65 1.34
N ALA B 104 -1.70 -18.33 1.21
CA ALA B 104 -2.08 -17.37 2.27
C ALA B 104 -0.96 -17.10 3.29
N VAL B 105 -0.45 -18.17 3.93
CA VAL B 105 0.67 -18.20 4.88
C VAL B 105 1.73 -19.10 4.21
N TYR B 106 2.94 -18.57 3.98
CA TYR B 106 4.00 -19.26 3.23
C TYR B 106 5.12 -19.89 4.07
N HIS B 107 5.51 -19.30 5.23
CA HIS B 107 6.53 -19.87 6.13
C HIS B 107 5.85 -20.56 7.33
N GLY B 108 5.10 -19.77 8.11
CA GLY B 108 4.28 -20.21 9.25
C GLY B 108 4.98 -20.78 10.48
N ASP B 109 6.33 -20.78 10.50
CA ASP B 109 7.12 -21.30 11.62
C ASP B 109 7.15 -20.29 12.77
N GLU B 110 6.89 -20.75 14.01
CA GLU B 110 6.81 -19.93 15.21
C GLU B 110 8.07 -19.10 15.49
N HIS B 111 9.27 -19.70 15.29
CA HIS B 111 10.57 -19.06 15.57
C HIS B 111 10.94 -17.98 14.55
N HIS B 112 10.53 -18.17 13.28
CA HIS B 112 10.74 -17.23 12.17
C HIS B 112 9.84 -15.99 12.42
N ILE B 113 8.55 -16.24 12.67
CA ILE B 113 7.53 -15.23 12.97
C ILE B 113 7.97 -14.38 14.16
N ALA B 114 8.36 -15.03 15.28
CA ALA B 114 8.89 -14.36 16.47
C ALA B 114 10.12 -13.47 16.09
N PHE B 115 11.08 -14.01 15.27
CA PHE B 115 12.26 -13.28 14.76
C PHE B 115 11.81 -12.02 14.00
N LEU B 116 10.90 -12.19 13.00
CA LEU B 116 10.32 -11.12 12.18
C LEU B 116 9.51 -10.11 12.96
N ASN B 117 8.80 -10.56 14.02
CA ASN B 117 7.99 -9.66 14.87
C ASN B 117 8.89 -8.82 15.75
N GLU B 118 10.10 -9.32 16.09
CA GLU B 118 11.06 -8.54 16.89
C GLU B 118 11.68 -7.45 15.99
N VAL B 119 11.91 -7.81 14.71
CA VAL B 119 12.39 -6.93 13.65
C VAL B 119 11.35 -5.79 13.48
N TYR B 120 10.04 -6.15 13.45
CA TYR B 120 8.96 -5.16 13.31
C TYR B 120 9.09 -4.16 14.43
N ALA B 121 8.99 -4.64 15.68
CA ALA B 121 9.09 -3.88 16.92
C ALA B 121 10.24 -2.84 16.92
N LEU B 122 11.44 -3.23 16.41
CA LEU B 122 12.63 -2.35 16.33
C LEU B 122 12.53 -1.24 15.24
N GLN B 123 11.68 -1.45 14.22
CA GLN B 123 11.55 -0.50 13.11
C GLN B 123 10.11 0.04 12.99
N SER B 124 9.28 -0.23 13.98
CA SER B 124 7.86 0.15 13.97
C SER B 124 7.59 1.66 13.57
N GLN B 125 8.40 2.61 14.06
CA GLN B 125 8.18 4.02 13.75
C GLN B 125 8.61 4.42 12.37
N SER B 126 9.41 3.57 11.71
CA SER B 126 9.98 3.77 10.38
C SER B 126 8.96 4.12 9.30
N ASN B 127 9.27 5.19 8.57
CA ASN B 127 8.48 5.71 7.48
C ASN B 127 9.49 6.14 6.40
N PRO B 128 9.65 5.31 5.34
CA PRO B 128 10.63 5.60 4.28
C PRO B 128 10.50 6.93 3.54
N LEU B 129 9.38 7.66 3.72
CA LEU B 129 9.15 8.97 3.09
C LEU B 129 10.14 10.00 3.68
N HIS B 130 10.66 9.70 4.88
CA HIS B 130 11.62 10.49 5.65
C HIS B 130 12.95 9.69 5.74
N PRO B 131 13.72 9.55 4.60
CA PRO B 131 14.97 8.77 4.65
C PRO B 131 16.01 9.37 5.58
N ASP B 132 15.92 10.70 5.80
CA ASP B 132 16.77 11.52 6.67
C ASP B 132 16.60 11.09 8.11
N LEU B 133 15.40 10.59 8.50
CA LEU B 133 15.08 10.13 9.86
C LEU B 133 15.31 8.64 9.98
N TRP B 134 14.95 7.87 8.93
CA TRP B 134 15.16 6.44 8.88
C TRP B 134 16.14 6.04 7.76
N PRO B 135 17.48 6.33 7.90
CA PRO B 135 18.43 5.89 6.87
C PRO B 135 18.62 4.38 6.86
N SER B 136 18.30 3.71 7.99
CA SER B 136 18.34 2.24 8.18
C SER B 136 17.48 1.56 7.14
N THR B 137 16.23 2.05 6.98
CA THR B 137 15.23 1.55 6.05
C THR B 137 15.55 1.82 4.59
N ALA B 138 16.29 2.92 4.28
CA ALA B 138 16.67 3.20 2.89
C ALA B 138 17.72 2.16 2.46
N LYS B 139 18.61 1.76 3.41
CA LYS B 139 19.62 0.71 3.26
C LYS B 139 18.92 -0.66 3.03
N PHE B 140 17.90 -1.03 3.86
CA PHE B 140 17.14 -2.28 3.78
C PHE B 140 16.45 -2.41 2.44
N GLU B 141 15.74 -1.35 2.01
CA GLU B 141 15.06 -1.31 0.72
C GLU B 141 16.05 -1.44 -0.43
N ALA B 142 17.13 -0.62 -0.45
CA ALA B 142 18.15 -0.71 -1.50
C ALA B 142 18.67 -2.12 -1.62
N GLU B 143 18.93 -2.75 -0.46
CA GLU B 143 19.53 -4.07 -0.31
C GLU B 143 18.59 -5.17 -0.69
N VAL B 144 17.29 -5.09 -0.32
CA VAL B 144 16.26 -6.07 -0.73
C VAL B 144 16.18 -6.07 -2.27
N VAL B 145 16.20 -4.87 -2.91
CA VAL B 145 16.21 -4.71 -4.36
C VAL B 145 17.45 -5.40 -4.94
N ALA B 146 18.67 -4.96 -4.56
CA ALA B 146 19.94 -5.50 -5.05
C ALA B 146 19.96 -7.03 -5.03
N MET B 147 19.73 -7.62 -3.83
CA MET B 147 19.72 -9.07 -3.60
C MET B 147 18.71 -9.78 -4.51
N THR B 148 17.52 -9.19 -4.67
CA THR B 148 16.47 -9.73 -5.51
C THR B 148 16.90 -9.68 -6.97
N ALA B 149 17.40 -8.49 -7.42
CA ALA B 149 17.85 -8.26 -8.78
C ALA B 149 18.92 -9.28 -9.22
N HIS B 150 19.85 -9.61 -8.33
CA HIS B 150 20.90 -10.61 -8.51
C HIS B 150 20.36 -12.05 -8.60
N MET B 151 19.39 -12.40 -7.79
CA MET B 151 18.74 -13.71 -7.76
C MET B 151 17.96 -13.93 -9.07
N LEU B 152 17.48 -12.82 -9.70
CA LEU B 152 16.72 -12.82 -10.95
C LEU B 152 17.57 -12.47 -12.16
N GLY B 153 18.83 -12.88 -12.10
CA GLY B 153 19.84 -12.74 -13.15
C GLY B 153 20.04 -11.34 -13.70
N GLY B 154 19.93 -10.34 -12.83
CA GLY B 154 20.11 -8.94 -13.19
C GLY B 154 21.54 -8.61 -13.59
N ASP B 155 22.49 -9.52 -13.30
CA ASP B 155 23.90 -9.42 -13.66
C ASP B 155 24.07 -9.58 -15.16
N ALA B 156 23.26 -10.46 -15.78
CA ALA B 156 23.24 -10.70 -17.21
C ALA B 156 22.85 -9.41 -17.95
N ALA B 157 22.09 -8.52 -17.30
CA ALA B 157 21.70 -7.23 -17.86
C ALA B 157 22.86 -6.24 -17.83
N GLY B 158 23.92 -6.62 -17.12
CA GLY B 158 25.16 -5.85 -17.03
C GLY B 158 25.18 -4.81 -15.94
N GLY B 159 24.51 -5.10 -14.82
CA GLY B 159 24.42 -4.22 -13.65
C GLY B 159 23.60 -2.96 -13.84
N THR B 160 22.73 -2.88 -14.87
CA THR B 160 21.83 -1.72 -15.07
C THR B 160 20.50 -1.91 -14.35
N VAL B 161 20.18 -3.18 -13.98
CA VAL B 161 18.96 -3.60 -13.30
C VAL B 161 18.81 -2.84 -11.98
N CYS B 162 17.66 -2.19 -11.83
CA CYS B 162 17.28 -1.34 -10.71
C CYS B 162 15.80 -1.55 -10.41
N GLY B 163 15.36 -1.13 -9.23
CA GLY B 163 13.97 -1.24 -8.82
C GLY B 163 13.63 -0.57 -7.51
N THR B 164 12.46 -0.92 -6.95
CA THR B 164 11.94 -0.34 -5.70
C THR B 164 11.16 -1.40 -4.91
N VAL B 165 10.97 -1.14 -3.59
CA VAL B 165 10.17 -1.99 -2.71
C VAL B 165 8.73 -1.45 -2.80
N THR B 166 7.75 -2.36 -2.96
CA THR B 166 6.32 -2.04 -3.03
C THR B 166 5.54 -2.78 -1.92
N SER B 167 4.23 -2.48 -1.79
CA SER B 167 3.26 -3.01 -0.82
C SER B 167 2.75 -4.42 -1.16
N GLY B 168 3.03 -4.86 -2.38
CA GLY B 168 2.65 -6.18 -2.87
C GLY B 168 2.74 -6.31 -4.37
N GLY B 169 2.38 -7.49 -4.86
CA GLY B 169 2.41 -7.82 -6.27
C GLY B 169 1.49 -6.97 -7.12
N THR B 170 0.30 -6.64 -6.60
CA THR B 170 -0.66 -5.81 -7.28
C THR B 170 -0.01 -4.47 -7.60
N GLU B 171 0.51 -3.72 -6.56
CA GLU B 171 1.21 -2.43 -6.74
C GLU B 171 2.38 -2.58 -7.73
N SER B 172 3.16 -3.66 -7.65
CA SER B 172 4.24 -3.94 -8.60
C SER B 172 3.70 -4.09 -10.03
N LEU B 173 2.58 -4.82 -10.20
CA LEU B 173 1.98 -5.01 -11.54
C LEU B 173 1.41 -3.69 -12.08
N LEU B 174 0.72 -2.92 -11.22
CA LEU B 174 0.11 -1.65 -11.57
C LEU B 174 1.19 -0.66 -11.98
N LEU B 175 2.28 -0.59 -11.18
CA LEU B 175 3.42 0.31 -11.41
C LEU B 175 4.03 0.08 -12.75
N ALA B 176 4.38 -1.19 -13.08
CA ALA B 176 4.91 -1.58 -14.39
C ALA B 176 3.96 -1.10 -15.49
N MET B 177 2.64 -1.37 -15.33
CA MET B 177 1.66 -0.96 -16.33
C MET B 177 1.69 0.55 -16.57
N LYS B 178 1.62 1.35 -15.48
CA LYS B 178 1.65 2.82 -15.51
C LYS B 178 2.94 3.29 -16.19
N THR B 179 4.09 2.67 -15.83
CA THR B 179 5.42 2.95 -16.34
C THR B 179 5.50 2.73 -17.86
N TYR B 180 5.11 1.54 -18.36
CA TYR B 180 5.11 1.30 -19.80
C TYR B 180 4.19 2.23 -20.55
N ARG B 181 3.05 2.59 -19.96
CA ARG B 181 2.11 3.55 -20.52
C ARG B 181 2.84 4.91 -20.70
N ASP B 182 3.38 5.47 -19.60
CA ASP B 182 4.09 6.74 -19.55
C ASP B 182 5.30 6.76 -20.46
N TRP B 183 6.10 5.67 -20.41
CA TRP B 183 7.30 5.52 -21.22
C TRP B 183 6.91 5.61 -22.67
N ALA B 184 5.99 4.73 -23.11
CA ALA B 184 5.52 4.68 -24.51
C ALA B 184 4.89 5.98 -25.00
N ARG B 185 4.20 6.73 -24.12
CA ARG B 185 3.62 8.01 -24.50
C ARG B 185 4.72 9.01 -24.80
N ALA B 186 5.74 9.03 -23.94
CA ALA B 186 6.85 9.98 -24.02
C ALA B 186 7.83 9.70 -25.13
N THR B 187 8.03 8.42 -25.47
CA THR B 187 9.07 8.00 -26.41
C THR B 187 8.54 7.43 -27.72
N LYS B 188 7.28 7.02 -27.77
CA LYS B 188 6.75 6.46 -29.02
C LYS B 188 5.56 7.28 -29.54
N GLY B 189 5.02 8.13 -28.67
CA GLY B 189 3.87 8.97 -29.00
C GLY B 189 2.55 8.25 -28.85
N ILE B 190 2.56 7.09 -28.16
CA ILE B 190 1.35 6.27 -27.94
C ILE B 190 0.43 6.93 -26.94
N THR B 191 -0.75 7.35 -27.41
CA THR B 191 -1.76 7.98 -26.55
C THR B 191 -2.92 7.03 -26.26
N ALA B 192 -2.99 5.92 -26.97
CA ALA B 192 -4.00 4.88 -26.77
C ALA B 192 -3.23 3.56 -26.45
N PRO B 193 -2.64 3.45 -25.23
CA PRO B 193 -1.87 2.24 -24.92
C PRO B 193 -2.70 0.94 -24.91
N GLU B 194 -2.05 -0.14 -25.35
CA GLU B 194 -2.62 -1.49 -25.41
C GLU B 194 -1.59 -2.42 -24.79
N ALA B 195 -2.04 -3.45 -24.07
CA ALA B 195 -1.13 -4.41 -23.46
C ALA B 195 -1.60 -5.82 -23.74
N VAL B 196 -0.66 -6.72 -24.10
CA VAL B 196 -1.03 -8.10 -24.42
C VAL B 196 -0.57 -9.08 -23.33
N VAL B 197 -1.53 -9.77 -22.71
CA VAL B 197 -1.27 -10.75 -21.66
C VAL B 197 -2.02 -12.03 -21.95
N PRO B 198 -1.50 -13.22 -21.54
CA PRO B 198 -2.33 -14.45 -21.64
C PRO B 198 -3.53 -14.35 -20.68
N VAL B 199 -4.62 -15.05 -20.97
CA VAL B 199 -5.82 -15.06 -20.08
C VAL B 199 -5.45 -15.55 -18.64
N SER B 200 -4.44 -16.43 -18.52
CA SER B 200 -3.94 -16.91 -17.23
C SER B 200 -3.28 -15.80 -16.34
N ALA B 201 -2.85 -14.67 -16.96
CA ALA B 201 -2.20 -13.54 -16.29
C ALA B 201 -3.14 -12.92 -15.28
N HIS B 202 -2.59 -12.54 -14.12
CA HIS B 202 -3.30 -11.99 -12.96
C HIS B 202 -4.35 -10.92 -13.25
N ALA B 203 -5.42 -10.94 -12.45
CA ALA B 203 -6.52 -9.98 -12.51
C ALA B 203 -6.04 -8.51 -12.27
N ALA B 204 -4.86 -8.33 -11.63
CA ALA B 204 -4.30 -7.00 -11.41
C ALA B 204 -4.08 -6.30 -12.73
N PHE B 205 -3.83 -7.05 -13.81
CA PHE B 205 -3.68 -6.46 -15.14
C PHE B 205 -4.95 -5.70 -15.56
N ASP B 206 -6.13 -6.27 -15.30
CA ASP B 206 -7.39 -5.66 -15.61
C ASP B 206 -7.60 -4.41 -14.74
N LYS B 207 -7.19 -4.49 -13.44
CA LYS B 207 -7.26 -3.36 -12.49
C LYS B 207 -6.37 -2.22 -13.06
N ALA B 208 -5.10 -2.55 -13.38
CA ALA B 208 -4.11 -1.66 -13.97
C ALA B 208 -4.65 -1.01 -15.24
N ALA B 209 -5.28 -1.82 -16.13
CA ALA B 209 -5.87 -1.37 -17.38
C ALA B 209 -6.94 -0.31 -17.16
N GLN B 210 -7.93 -0.58 -16.27
CA GLN B 210 -9.04 0.35 -15.99
C GLN B 210 -8.60 1.65 -15.35
N TYR B 211 -7.58 1.55 -14.44
CA TYR B 211 -7.00 2.66 -13.71
C TYR B 211 -6.27 3.61 -14.66
N PHE B 212 -5.29 3.11 -15.43
CA PHE B 212 -4.43 3.93 -16.27
C PHE B 212 -4.92 4.07 -17.71
N GLY B 213 -6.03 3.43 -18.04
CA GLY B 213 -6.62 3.55 -19.36
C GLY B 213 -5.76 2.95 -20.42
N ILE B 214 -5.43 1.66 -20.25
CA ILE B 214 -4.64 0.86 -21.19
C ILE B 214 -5.59 -0.25 -21.66
N LYS B 215 -5.68 -0.50 -23.00
CA LYS B 215 -6.55 -1.56 -23.52
C LYS B 215 -5.87 -2.90 -23.23
N LEU B 216 -6.55 -3.82 -22.52
CA LEU B 216 -5.96 -5.11 -22.18
C LEU B 216 -6.54 -6.25 -23.01
N VAL B 217 -5.72 -6.72 -23.97
CA VAL B 217 -6.01 -7.79 -24.91
C VAL B 217 -5.52 -9.10 -24.29
N ARG B 218 -6.44 -9.91 -23.76
CA ARG B 218 -6.16 -11.20 -23.13
C ARG B 218 -6.15 -12.31 -24.17
N THR B 219 -5.02 -13.04 -24.28
CA THR B 219 -4.83 -14.06 -25.32
C THR B 219 -5.01 -15.52 -24.83
N PRO B 220 -5.53 -16.43 -25.70
CA PRO B 220 -5.74 -17.83 -25.29
C PRO B 220 -4.51 -18.64 -24.90
N LEU B 221 -4.74 -19.76 -24.22
CA LEU B 221 -3.66 -20.62 -23.82
C LEU B 221 -3.55 -21.83 -24.75
N ASP B 222 -2.45 -22.60 -24.63
CA ASP B 222 -2.28 -23.83 -25.37
C ASP B 222 -2.86 -24.98 -24.52
N ALA B 223 -2.93 -26.20 -25.07
CA ALA B 223 -3.44 -27.39 -24.37
C ALA B 223 -2.66 -27.68 -23.08
N ASP B 224 -1.44 -27.14 -22.93
CA ASP B 224 -0.64 -27.32 -21.73
C ASP B 224 -0.81 -26.17 -20.70
N TYR B 225 -1.85 -25.32 -20.92
CA TYR B 225 -2.26 -24.16 -20.11
C TYR B 225 -1.19 -23.05 -20.08
N ARG B 226 -0.17 -23.17 -20.91
CA ARG B 226 0.88 -22.19 -21.09
C ARG B 226 0.34 -21.21 -22.14
N ALA B 227 0.95 -20.03 -22.26
CA ALA B 227 0.54 -19.02 -23.26
C ALA B 227 0.83 -19.45 -24.68
N ASP B 228 -0.13 -19.17 -25.59
CA ASP B 228 -0.01 -19.39 -27.02
C ASP B 228 0.67 -18.10 -27.50
N VAL B 229 1.96 -18.21 -27.88
CA VAL B 229 2.71 -17.04 -28.30
C VAL B 229 2.20 -16.50 -29.64
N ALA B 230 1.80 -17.40 -30.56
CA ALA B 230 1.23 -17.06 -31.87
C ALA B 230 0.04 -16.13 -31.73
N ALA B 231 -0.89 -16.48 -30.80
CA ALA B 231 -2.07 -15.67 -30.43
C ALA B 231 -1.63 -14.25 -29.98
N MET B 232 -0.51 -14.16 -29.20
CA MET B 232 0.07 -12.90 -28.71
C MET B 232 0.73 -12.09 -29.84
N ARG B 233 1.35 -12.79 -30.80
CA ARG B 233 1.99 -12.17 -31.96
C ARG B 233 0.93 -11.48 -32.82
N GLU B 234 -0.27 -12.12 -32.96
CA GLU B 234 -1.41 -11.61 -33.72
C GLU B 234 -2.19 -10.54 -32.96
N ALA B 235 -1.93 -10.42 -31.66
CA ALA B 235 -2.55 -9.41 -30.80
C ALA B 235 -1.74 -8.12 -30.77
N ILE B 236 -0.46 -8.15 -31.15
CA ILE B 236 0.38 -6.94 -31.12
C ILE B 236 0.00 -5.96 -32.23
N THR B 237 -0.23 -4.70 -31.87
CA THR B 237 -0.53 -3.59 -32.77
C THR B 237 0.55 -2.49 -32.59
N PRO B 238 0.54 -1.35 -33.35
CA PRO B 238 1.57 -0.33 -33.11
C PRO B 238 1.26 0.46 -31.84
N ASN B 239 0.07 0.24 -31.26
CA ASN B 239 -0.34 0.86 -30.00
C ASN B 239 0.00 -0.01 -28.80
N THR B 240 0.55 -1.21 -29.05
CA THR B 240 0.99 -2.11 -27.99
C THR B 240 2.24 -1.52 -27.38
N VAL B 241 2.17 -1.28 -26.05
CA VAL B 241 3.26 -0.68 -25.27
C VAL B 241 4.03 -1.75 -24.52
N VAL B 242 3.35 -2.88 -24.15
CA VAL B 242 3.96 -3.97 -23.37
C VAL B 242 3.28 -5.37 -23.53
N VAL B 243 4.07 -6.43 -23.30
CA VAL B 243 3.59 -7.82 -23.24
C VAL B 243 3.89 -8.38 -21.85
N ALA B 244 3.18 -9.43 -21.45
CA ALA B 244 3.46 -10.06 -20.17
C ALA B 244 3.37 -11.56 -20.22
N GLY B 245 4.04 -12.17 -19.27
CA GLY B 245 4.08 -13.61 -19.07
C GLY B 245 4.17 -13.85 -17.58
N SER B 246 3.63 -14.97 -17.12
CA SER B 246 3.61 -15.29 -15.70
C SER B 246 4.57 -16.41 -15.37
N ALA B 247 5.35 -16.24 -14.30
CA ALA B 247 6.35 -17.22 -13.86
C ALA B 247 6.29 -17.57 -12.34
N PRO B 248 5.31 -18.40 -11.90
CA PRO B 248 4.21 -18.96 -12.69
C PRO B 248 2.96 -18.10 -12.54
N GLY B 249 1.95 -18.45 -13.31
CA GLY B 249 0.65 -17.85 -13.21
C GLY B 249 -0.04 -18.39 -11.99
N PHE B 250 -0.89 -17.55 -11.36
CA PHE B 250 -1.64 -17.91 -10.19
C PHE B 250 -2.63 -19.08 -10.48
N PRO B 251 -3.48 -19.05 -11.56
CA PRO B 251 -4.50 -20.09 -11.70
C PRO B 251 -4.00 -21.53 -11.66
N HIS B 252 -3.14 -21.91 -12.63
CA HIS B 252 -2.70 -23.29 -12.78
C HIS B 252 -1.21 -23.56 -12.46
N GLY B 253 -0.50 -22.57 -11.90
CA GLY B 253 0.90 -22.68 -11.48
C GLY B 253 1.92 -23.07 -12.54
N VAL B 254 1.61 -22.81 -13.80
CA VAL B 254 2.50 -23.13 -14.91
C VAL B 254 3.34 -21.87 -15.30
N VAL B 255 4.51 -22.09 -15.89
CA VAL B 255 5.39 -21.00 -16.30
C VAL B 255 5.21 -20.80 -17.80
N ASP B 256 4.80 -19.60 -18.21
CA ASP B 256 4.58 -19.27 -19.62
C ASP B 256 5.89 -19.33 -20.41
N PRO B 257 5.86 -19.48 -21.77
CA PRO B 257 7.11 -19.47 -22.55
C PRO B 257 7.71 -18.05 -22.61
N ILE B 258 8.43 -17.68 -21.53
CA ILE B 258 9.00 -16.36 -21.34
C ILE B 258 10.05 -16.02 -22.43
N PRO B 259 11.00 -16.92 -22.81
CA PRO B 259 11.94 -16.57 -23.89
C PRO B 259 11.26 -16.16 -25.19
N GLU B 260 10.22 -16.91 -25.60
CA GLU B 260 9.41 -16.69 -26.81
C GLU B 260 8.66 -15.34 -26.73
N ILE B 261 8.10 -15.00 -25.54
CA ILE B 261 7.39 -13.76 -25.27
C ILE B 261 8.39 -12.58 -25.32
N ALA B 262 9.56 -12.74 -24.65
CA ALA B 262 10.58 -11.70 -24.62
C ALA B 262 11.15 -11.47 -26.02
N ALA B 263 11.30 -12.56 -26.81
CA ALA B 263 11.76 -12.51 -28.20
C ALA B 263 10.75 -11.72 -29.06
N LEU B 264 9.42 -11.94 -28.84
CA LEU B 264 8.35 -11.21 -29.53
C LEU B 264 8.41 -9.70 -29.17
N ALA B 265 8.56 -9.41 -27.86
CA ALA B 265 8.63 -8.08 -27.26
C ALA B 265 9.78 -7.29 -27.85
N ALA B 266 11.03 -7.83 -27.75
CA ALA B 266 12.28 -7.27 -28.27
C ALA B 266 12.19 -7.00 -29.76
N GLU B 267 11.60 -7.95 -30.50
CA GLU B 267 11.38 -7.87 -31.95
C GLU B 267 10.53 -6.68 -32.30
N HIS B 268 9.52 -6.36 -31.45
CA HIS B 268 8.63 -5.24 -31.69
C HIS B 268 9.07 -3.93 -31.04
N GLY B 269 10.09 -3.99 -30.19
CA GLY B 269 10.62 -2.83 -29.49
C GLY B 269 9.70 -2.32 -28.40
N ILE B 270 8.91 -3.23 -27.80
CA ILE B 270 7.96 -2.93 -26.74
C ILE B 270 8.42 -3.61 -25.48
N GLY B 271 7.94 -3.17 -24.33
CA GLY B 271 8.37 -3.79 -23.08
C GLY B 271 7.87 -5.22 -22.84
N CYS B 272 8.57 -5.91 -21.94
CA CYS B 272 8.20 -7.25 -21.50
C CYS B 272 8.31 -7.35 -19.99
N HIS B 273 7.15 -7.39 -19.35
CA HIS B 273 7.06 -7.56 -17.93
C HIS B 273 6.77 -9.03 -17.59
N VAL B 274 7.58 -9.62 -16.73
CA VAL B 274 7.42 -10.99 -16.25
C VAL B 274 6.80 -10.90 -14.84
N ASP B 275 5.62 -11.51 -14.68
CA ASP B 275 4.99 -11.57 -13.39
C ASP B 275 5.53 -12.78 -12.62
N ALA B 276 6.65 -12.56 -11.91
CA ALA B 276 7.29 -13.55 -11.04
C ALA B 276 6.85 -13.31 -9.57
N CYS B 277 5.62 -12.73 -9.34
CA CYS B 277 5.16 -12.45 -7.98
C CYS B 277 5.15 -13.70 -7.08
N LEU B 278 4.61 -14.79 -7.61
CA LEU B 278 4.51 -16.06 -6.92
C LEU B 278 5.78 -16.91 -6.98
N GLY B 279 6.49 -16.91 -8.11
CA GLY B 279 7.65 -17.76 -8.31
C GLY B 279 9.04 -17.16 -8.27
N GLY B 280 9.15 -15.87 -8.07
CA GLY B 280 10.44 -15.20 -8.03
C GLY B 280 11.39 -15.76 -6.98
N PHE B 281 10.85 -16.26 -5.83
CA PHE B 281 11.66 -16.81 -4.74
C PHE B 281 11.63 -18.34 -4.66
N ILE B 282 11.12 -18.98 -5.72
CA ILE B 282 11.06 -20.45 -5.81
C ILE B 282 11.79 -20.97 -7.06
N LEU B 283 11.55 -20.36 -8.24
CA LEU B 283 12.13 -20.77 -9.54
C LEU B 283 13.68 -20.71 -9.62
N PRO B 284 14.37 -19.63 -9.16
CA PRO B 284 15.85 -19.67 -9.23
C PRO B 284 16.44 -20.90 -8.54
N TRP B 285 15.81 -21.34 -7.45
CA TRP B 285 16.25 -22.49 -6.65
C TRP B 285 15.78 -23.84 -7.27
N ALA B 286 14.62 -23.87 -7.97
CA ALA B 286 14.11 -25.07 -8.65
C ALA B 286 15.09 -25.50 -9.73
N GLU B 287 15.68 -24.49 -10.42
CA GLU B 287 16.73 -24.60 -11.45
C GLU B 287 17.99 -25.23 -10.84
N ARG B 288 18.52 -24.63 -9.72
CA ARG B 288 19.70 -25.08 -8.98
C ARG B 288 19.54 -26.53 -8.51
N LEU B 289 18.29 -26.99 -8.29
CA LEU B 289 18.00 -28.36 -7.86
C LEU B 289 17.71 -29.30 -9.04
N GLY B 290 17.84 -28.80 -10.26
CA GLY B 290 17.67 -29.62 -11.46
C GLY B 290 16.27 -29.79 -12.02
N TYR B 291 15.25 -29.10 -11.47
CA TYR B 291 13.88 -29.14 -11.96
C TYR B 291 13.78 -28.40 -13.33
N PRO B 292 12.84 -28.76 -14.25
CA PRO B 292 12.77 -28.07 -15.53
C PRO B 292 12.03 -26.71 -15.44
N VAL B 293 12.76 -25.60 -15.51
CA VAL B 293 12.05 -24.33 -15.45
C VAL B 293 12.50 -23.48 -16.65
N PRO B 294 11.58 -22.92 -17.45
CA PRO B 294 12.03 -22.10 -18.57
C PRO B 294 12.70 -20.81 -18.07
N PRO B 295 13.85 -20.40 -18.66
CA PRO B 295 14.47 -19.11 -18.24
C PRO B 295 13.40 -18.02 -18.34
N PHE B 296 13.22 -17.23 -17.25
CA PHE B 296 12.14 -16.28 -17.12
C PHE B 296 12.53 -14.87 -16.64
N ASP B 297 13.76 -14.71 -16.16
CA ASP B 297 14.19 -13.45 -15.57
C ASP B 297 15.04 -12.55 -16.49
N PHE B 298 15.95 -11.75 -15.89
CA PHE B 298 16.79 -10.81 -16.61
C PHE B 298 17.88 -11.42 -17.48
N ARG B 299 18.01 -12.77 -17.46
CA ARG B 299 18.93 -13.52 -18.31
C ARG B 299 18.54 -13.27 -19.77
N LEU B 300 17.23 -13.05 -20.01
CA LEU B 300 16.66 -12.76 -21.32
C LEU B 300 16.68 -11.25 -21.58
N GLU B 301 17.37 -10.82 -22.66
CA GLU B 301 17.50 -9.43 -23.10
C GLU B 301 16.17 -8.72 -23.26
N GLY B 302 15.19 -9.44 -23.81
CA GLY B 302 13.83 -8.96 -24.08
C GLY B 302 13.01 -8.65 -22.85
N VAL B 303 13.40 -9.19 -21.66
CA VAL B 303 12.72 -8.95 -20.39
C VAL B 303 13.12 -7.57 -19.88
N THR B 304 12.17 -6.62 -19.87
CA THR B 304 12.45 -5.25 -19.45
C THR B 304 12.02 -4.99 -18.00
N SER B 305 11.08 -5.77 -17.45
CA SER B 305 10.70 -5.64 -16.04
C SER B 305 10.21 -6.95 -15.47
N VAL B 306 10.55 -7.20 -14.18
CA VAL B 306 10.24 -8.44 -13.41
C VAL B 306 9.72 -8.00 -12.07
N SER B 307 8.57 -8.54 -11.62
CA SER B 307 8.00 -8.24 -10.32
C SER B 307 7.98 -9.54 -9.51
N ALA B 308 8.41 -9.47 -8.24
CA ALA B 308 8.49 -10.61 -7.31
C ALA B 308 8.07 -10.17 -5.92
N ASP B 309 7.44 -11.09 -5.16
CA ASP B 309 6.95 -10.81 -3.83
C ASP B 309 7.80 -11.46 -2.76
N THR B 310 8.31 -10.64 -1.85
CA THR B 310 9.10 -11.12 -0.71
C THR B 310 8.16 -11.60 0.38
N HIS B 311 6.93 -11.02 0.45
CA HIS B 311 5.93 -11.35 1.47
C HIS B 311 5.33 -12.76 1.30
N TYR B 313 6.73 -16.23 -0.99
CA TYR B 313 7.79 -17.24 -0.75
C TYR B 313 9.16 -16.66 -0.37
N GLY B 314 9.27 -15.33 -0.28
CA GLY B 314 10.50 -14.68 0.16
C GLY B 314 10.65 -14.84 1.68
N TYR B 315 9.51 -15.11 2.35
CA TYR B 315 9.29 -15.39 3.78
C TYR B 315 9.37 -14.14 4.63
N GLY B 316 9.31 -12.99 3.97
CA GLY B 316 9.20 -11.69 4.63
C GLY B 316 7.77 -11.49 5.10
N ALA B 317 7.54 -10.60 6.06
CA ALA B 317 6.20 -10.33 6.56
C ALA B 317 5.33 -9.64 5.48
N LYS B 318 4.01 -9.89 5.48
CA LYS B 318 3.06 -9.30 4.52
C LYS B 318 3.25 -7.79 4.34
N GLY B 319 3.06 -7.33 3.12
CA GLY B 319 3.14 -5.92 2.80
C GLY B 319 4.39 -5.49 2.08
N THR B 320 5.10 -6.43 1.41
CA THR B 320 6.31 -6.16 0.62
C THR B 320 6.44 -6.99 -0.65
N SER B 321 6.92 -6.33 -1.69
CA SER B 321 7.20 -6.88 -2.99
C SER B 321 8.27 -5.99 -3.60
N VAL B 322 8.79 -6.40 -4.77
CA VAL B 322 9.85 -5.71 -5.46
C VAL B 322 9.46 -5.71 -6.93
N ILE B 323 9.73 -4.61 -7.62
CA ILE B 323 9.56 -4.42 -9.06
C ILE B 323 10.95 -4.06 -9.59
N LEU B 324 11.42 -4.74 -10.62
CA LEU B 324 12.72 -4.45 -11.17
C LEU B 324 12.58 -4.11 -12.64
N TYR B 325 13.31 -3.10 -13.07
CA TYR B 325 13.41 -2.65 -14.47
C TYR B 325 14.85 -2.91 -14.94
N ARG B 326 15.02 -3.29 -16.21
CA ARG B 326 16.34 -3.57 -16.79
C ARG B 326 17.22 -2.31 -16.86
N ARG B 327 16.61 -1.14 -17.05
CA ARG B 327 17.35 0.11 -17.17
C ARG B 327 16.75 1.19 -16.29
N PRO B 328 17.58 2.19 -15.81
CA PRO B 328 17.02 3.31 -15.04
C PRO B 328 16.17 4.23 -15.91
N ASP B 329 16.34 4.24 -17.24
CA ASP B 329 15.49 5.04 -18.13
C ASP B 329 14.02 4.64 -17.96
N LEU B 330 13.78 3.31 -17.82
CA LEU B 330 12.47 2.69 -17.58
C LEU B 330 11.99 3.02 -16.16
N LEU B 331 12.80 2.74 -15.14
CA LEU B 331 12.46 3.01 -13.74
C LEU B 331 12.00 4.45 -13.48
N HIS B 332 12.68 5.43 -14.07
CA HIS B 332 12.37 6.84 -13.90
C HIS B 332 10.96 7.19 -14.28
N TYR B 333 10.32 6.39 -15.17
CA TYR B 333 8.92 6.64 -15.55
C TYR B 333 7.91 6.22 -14.46
N GLN B 334 8.41 5.56 -13.39
CA GLN B 334 7.62 5.11 -12.25
C GLN B 334 7.48 6.22 -11.26
N TYR B 335 8.55 7.01 -11.03
CA TYR B 335 8.58 8.10 -10.06
C TYR B 335 7.55 9.20 -10.28
N PHE B 336 7.03 9.76 -9.16
CA PHE B 336 6.11 10.90 -9.18
C PHE B 336 6.85 12.07 -8.63
N ILE B 337 6.85 13.18 -9.37
CA ILE B 337 7.51 14.41 -8.92
C ILE B 337 6.58 15.63 -9.04
N ALA B 338 6.44 16.39 -7.93
CA ALA B 338 5.65 17.62 -7.83
C ALA B 338 6.63 18.76 -7.53
N ALA B 339 6.59 19.85 -8.34
CA ALA B 339 7.53 20.96 -8.21
C ALA B 339 6.92 22.25 -7.70
N ASP B 340 5.64 22.53 -8.01
CA ASP B 340 5.00 23.80 -7.63
C ASP B 340 4.09 23.72 -6.37
N TRP B 341 4.25 22.67 -5.53
CA TRP B 341 3.39 22.47 -4.36
C TRP B 341 3.86 23.30 -3.14
N PRO B 342 3.04 24.22 -2.60
CA PRO B 342 3.46 25.01 -1.43
C PRO B 342 4.07 24.21 -0.27
N GLY B 343 3.72 22.93 -0.16
CA GLY B 343 4.23 22.00 0.85
C GLY B 343 5.66 21.53 0.63
N GLY B 344 6.30 22.11 -0.37
CA GLY B 344 7.68 21.78 -0.75
C GLY B 344 7.77 20.88 -1.95
N ILE B 345 8.99 20.40 -2.22
CA ILE B 345 9.26 19.48 -3.32
C ILE B 345 8.88 18.07 -2.84
N TYR B 346 7.99 17.42 -3.58
CA TYR B 346 7.51 16.09 -3.25
C TYR B 346 7.88 15.15 -4.36
N ALA B 347 8.47 14.03 -3.98
CA ALA B 347 8.89 12.95 -4.84
C ALA B 347 8.42 11.64 -4.22
N SER B 348 7.97 10.68 -5.03
CA SER B 348 7.60 9.36 -4.53
C SER B 348 7.89 8.28 -5.52
N PRO B 349 8.76 7.32 -5.13
CA PRO B 349 9.14 6.23 -6.07
C PRO B 349 7.99 5.32 -6.52
N THR B 350 7.03 5.07 -5.61
CA THR B 350 5.90 4.18 -5.84
C THR B 350 4.62 4.98 -5.75
N PHE B 351 3.49 4.29 -5.50
CA PHE B 351 2.18 4.95 -5.40
C PHE B 351 2.05 5.70 -4.13
N ALA B 352 2.49 5.08 -3.02
CA ALA B 352 2.35 5.59 -1.66
C ALA B 352 3.17 6.81 -1.34
N GLY B 353 2.78 7.47 -0.26
CA GLY B 353 3.52 8.55 0.37
C GLY B 353 4.20 7.86 1.54
N SER B 354 3.60 7.95 2.73
CA SER B 354 4.07 7.26 3.93
C SER B 354 3.93 5.76 3.68
N ARG B 355 4.82 4.99 4.30
CA ARG B 355 4.82 3.55 4.12
C ARG B 355 5.19 2.94 5.45
N PRO B 356 4.79 1.68 5.76
CA PRO B 356 5.27 1.05 6.99
C PRO B 356 6.68 0.53 6.73
N GLY B 357 7.69 1.31 7.11
CA GLY B 357 9.08 0.95 6.91
C GLY B 357 9.46 -0.37 7.58
N ALA B 358 8.80 -0.69 8.70
CA ALA B 358 9.02 -1.92 9.44
C ALA B 358 8.84 -3.16 8.58
N LEU B 359 7.96 -3.11 7.57
CA LEU B 359 7.72 -4.26 6.67
C LEU B 359 8.92 -4.51 5.74
N SER B 360 9.62 -3.43 5.31
CA SER B 360 10.83 -3.56 4.49
C SER B 360 11.95 -4.21 5.31
N ALA B 361 12.14 -3.79 6.59
CA ALA B 361 13.13 -4.41 7.47
C ALA B 361 12.91 -5.95 7.61
N THR B 362 11.62 -6.43 7.59
CA THR B 362 11.29 -7.85 7.74
C THR B 362 11.73 -8.63 6.53
N ALA B 363 11.61 -8.02 5.33
CA ALA B 363 12.05 -8.68 4.10
C ALA B 363 13.58 -8.76 4.08
N TRP B 364 14.25 -7.69 4.51
CA TRP B 364 15.69 -7.65 4.61
C TRP B 364 16.19 -8.68 5.65
N ALA B 365 15.53 -8.77 6.81
CA ALA B 365 15.83 -9.75 7.86
C ALA B 365 15.67 -11.22 7.36
N ALA B 366 14.51 -11.52 6.77
CA ALA B 366 14.18 -12.85 6.26
C ALA B 366 15.22 -13.32 5.26
N MET B 367 15.47 -12.51 4.21
CA MET B 367 16.45 -12.78 3.15
C MET B 367 17.80 -13.11 3.73
N LEU B 368 18.35 -12.24 4.61
CA LEU B 368 19.65 -12.45 5.23
C LEU B 368 19.71 -13.62 6.16
N SER B 369 18.60 -13.95 6.84
CA SER B 369 18.59 -15.08 7.77
C SER B 369 18.55 -16.42 7.04
N LEU B 370 18.03 -16.43 5.80
CA LEU B 370 17.96 -17.66 5.04
C LEU B 370 19.14 -17.84 4.09
N GLY B 371 19.49 -16.76 3.38
CA GLY B 371 20.56 -16.77 2.39
C GLY B 371 20.24 -17.73 1.26
N GLU B 372 21.27 -18.20 0.52
CA GLU B 372 21.05 -19.13 -0.57
C GLU B 372 20.66 -20.52 -0.05
N GLU B 373 21.38 -21.04 0.99
CA GLU B 373 21.15 -22.37 1.58
C GLU B 373 19.75 -22.49 2.16
N GLY B 374 19.23 -21.38 2.71
CA GLY B 374 17.91 -21.31 3.32
C GLY B 374 16.83 -21.45 2.29
N TYR B 375 16.87 -20.61 1.22
CA TYR B 375 15.90 -20.69 0.14
C TYR B 375 15.99 -21.99 -0.62
N LEU B 376 17.21 -22.58 -0.75
CA LEU B 376 17.38 -23.85 -1.45
C LEU B 376 16.72 -24.98 -0.70
N ASP B 377 16.94 -25.04 0.63
CA ASP B 377 16.33 -26.03 1.51
C ASP B 377 14.83 -25.90 1.56
N ALA B 378 14.31 -24.66 1.65
CA ALA B 378 12.88 -24.36 1.70
C ALA B 378 12.22 -24.86 0.43
N THR B 379 12.81 -24.52 -0.75
CA THR B 379 12.36 -24.91 -2.09
C THR B 379 12.48 -26.43 -2.30
N ARG B 380 13.57 -27.06 -1.82
CA ARG B 380 13.77 -28.51 -1.92
C ARG B 380 12.55 -29.18 -1.26
N ARG B 381 12.23 -28.78 -0.04
CA ARG B 381 11.09 -29.31 0.70
C ARG B 381 9.76 -29.19 -0.09
N ILE B 382 9.39 -27.97 -0.55
CA ILE B 382 8.13 -27.65 -1.26
C ILE B 382 7.95 -28.46 -2.55
N LEU B 383 8.98 -28.45 -3.42
CA LEU B 383 9.00 -29.17 -4.69
C LEU B 383 8.92 -30.68 -4.52
N GLN B 384 9.54 -31.24 -3.46
CA GLN B 384 9.46 -32.67 -3.14
C GLN B 384 8.07 -33.00 -2.65
N ALA B 385 7.52 -32.16 -1.77
CA ALA B 385 6.17 -32.31 -1.22
C ALA B 385 5.15 -32.33 -2.37
N ALA B 386 5.32 -31.42 -3.37
CA ALA B 386 4.49 -31.31 -4.57
C ALA B 386 4.65 -32.50 -5.50
N ASP B 387 5.89 -33.06 -5.62
CA ASP B 387 6.19 -34.24 -6.44
C ASP B 387 5.31 -35.42 -5.99
N ARG B 388 5.17 -35.54 -4.66
CA ARG B 388 4.36 -36.52 -3.94
C ARG B 388 2.90 -36.23 -4.18
N LEU B 389 2.48 -34.94 -4.08
CA LEU B 389 1.09 -34.53 -4.24
C LEU B 389 0.58 -34.78 -5.64
N LYS B 390 1.39 -34.42 -6.66
CA LYS B 390 1.03 -34.65 -8.06
C LYS B 390 0.98 -36.15 -8.32
N ALA B 391 1.93 -36.92 -7.79
CA ALA B 391 1.92 -38.38 -7.96
C ALA B 391 0.60 -39.02 -7.45
N GLY B 392 0.24 -38.71 -6.20
CA GLY B 392 -1.00 -39.17 -5.59
C GLY B 392 -2.25 -38.78 -6.37
N VAL B 393 -2.31 -37.52 -6.87
CA VAL B 393 -3.43 -37.00 -7.66
C VAL B 393 -3.54 -37.77 -8.98
N ARG B 394 -2.40 -37.96 -9.66
CA ARG B 394 -2.32 -38.71 -10.91
C ARG B 394 -2.88 -40.14 -10.77
N ALA B 395 -2.82 -40.71 -9.54
CA ALA B 395 -3.31 -42.04 -9.19
C ALA B 395 -4.84 -42.12 -8.94
N ILE B 396 -5.57 -40.99 -9.13
CA ILE B 396 -7.03 -40.89 -9.01
C ILE B 396 -7.52 -40.49 -10.42
N PRO B 397 -7.64 -41.48 -11.37
CA PRO B 397 -7.98 -41.15 -12.79
C PRO B 397 -9.19 -40.23 -13.06
N SER B 398 -10.16 -40.13 -12.09
CA SER B 398 -11.32 -39.22 -12.19
C SER B 398 -10.88 -37.73 -12.17
N LEU B 399 -9.69 -37.45 -11.62
CA LEU B 399 -9.14 -36.10 -11.54
C LEU B 399 -8.01 -35.95 -12.54
N LYS B 400 -7.71 -34.69 -12.86
CA LYS B 400 -6.62 -34.32 -13.74
C LYS B 400 -5.98 -33.06 -13.22
N ILE B 401 -4.67 -32.94 -13.45
CA ILE B 401 -3.86 -31.77 -13.13
C ILE B 401 -3.82 -30.99 -14.44
N LEU B 402 -4.12 -29.70 -14.39
CA LEU B 402 -4.10 -28.80 -15.56
C LEU B 402 -2.68 -28.34 -15.75
N GLY B 403 -2.12 -28.62 -16.93
CA GLY B 403 -0.72 -28.33 -17.25
C GLY B 403 0.25 -29.20 -16.48
N ASP B 404 1.53 -28.76 -16.32
CA ASP B 404 2.52 -29.50 -15.53
C ASP B 404 3.19 -28.51 -14.56
N PRO B 405 2.48 -28.17 -13.44
CA PRO B 405 3.02 -27.19 -12.50
C PRO B 405 4.03 -27.77 -11.55
N LEU B 406 4.98 -26.95 -11.12
CA LEU B 406 5.99 -27.39 -10.18
C LEU B 406 5.47 -27.49 -8.71
N TRP B 407 4.57 -26.56 -8.24
CA TRP B 407 4.10 -26.59 -6.85
C TRP B 407 2.73 -25.93 -6.61
N VAL B 408 2.17 -25.23 -7.61
CA VAL B 408 0.83 -24.66 -7.45
C VAL B 408 -0.05 -25.53 -8.34
N ILE B 409 -0.56 -26.62 -7.73
CA ILE B 409 -1.34 -27.68 -8.41
C ILE B 409 -2.80 -27.29 -8.57
N ALA B 410 -3.34 -27.42 -9.79
CA ALA B 410 -4.75 -27.14 -10.05
C ALA B 410 -5.34 -28.45 -10.51
N VAL B 411 -6.27 -29.00 -9.73
CA VAL B 411 -6.89 -30.28 -10.08
C VAL B 411 -8.34 -30.02 -10.54
N ALA B 412 -8.74 -30.67 -11.64
CA ALA B 412 -10.06 -30.55 -12.26
C ALA B 412 -10.60 -31.90 -12.73
N SER B 413 -11.91 -32.01 -12.89
CA SER B 413 -12.50 -33.27 -13.35
C SER B 413 -13.49 -33.06 -14.51
N ASP B 414 -13.45 -34.00 -15.47
CA ASP B 414 -14.35 -34.08 -16.62
C ASP B 414 -15.42 -35.15 -16.33
N GLU B 415 -15.32 -35.87 -15.18
CA GLU B 415 -16.27 -36.93 -14.79
C GLU B 415 -17.23 -36.47 -13.69
N LEU B 416 -16.68 -35.85 -12.63
CA LEU B 416 -17.40 -35.38 -11.43
C LEU B 416 -17.34 -33.85 -11.32
N ASN B 417 -18.22 -33.29 -10.46
CA ASN B 417 -18.25 -31.86 -10.18
C ASN B 417 -17.12 -31.58 -9.21
N ILE B 418 -16.06 -30.92 -9.70
CA ILE B 418 -14.87 -30.56 -8.94
C ILE B 418 -15.19 -29.63 -7.78
N TYR B 419 -16.23 -28.77 -7.95
CA TYR B 419 -16.67 -27.83 -6.91
C TYR B 419 -17.23 -28.58 -5.72
N GLN B 420 -17.79 -29.79 -5.96
CA GLN B 420 -18.30 -30.65 -4.89
C GLN B 420 -17.14 -31.38 -4.23
N VAL B 421 -16.12 -31.85 -5.03
CA VAL B 421 -14.89 -32.50 -4.53
C VAL B 421 -14.18 -31.53 -3.58
N MET B 422 -14.17 -30.24 -3.95
CA MET B 422 -13.59 -29.15 -3.21
C MET B 422 -14.41 -28.88 -1.95
N GLU B 423 -15.75 -29.01 -2.06
CA GLU B 423 -16.66 -28.80 -0.93
C GLU B 423 -16.39 -29.88 0.14
N GLU B 424 -16.19 -31.13 -0.30
CA GLU B 424 -15.87 -32.28 0.54
C GLU B 424 -14.59 -32.05 1.34
N MET B 425 -13.53 -31.55 0.66
CA MET B 425 -12.23 -31.22 1.26
C MET B 425 -12.35 -30.12 2.30
N ALA B 426 -13.20 -29.09 2.03
CA ALA B 426 -13.46 -27.96 2.93
C ALA B 426 -13.99 -28.49 4.25
N GLY B 427 -14.93 -29.45 4.14
CA GLY B 427 -15.53 -30.18 5.26
C GLY B 427 -14.47 -30.86 6.12
N ARG B 428 -13.41 -31.41 5.47
CA ARG B 428 -12.29 -32.06 6.16
C ARG B 428 -11.31 -31.05 6.78
N GLY B 429 -11.46 -29.76 6.42
CA GLY B 429 -10.66 -28.68 6.96
C GLY B 429 -9.79 -27.93 5.98
N TRP B 430 -9.71 -28.38 4.72
CA TRP B 430 -8.89 -27.81 3.62
C TRP B 430 -9.44 -26.51 3.05
N ARG B 431 -8.57 -25.50 2.99
CA ARG B 431 -8.88 -24.16 2.48
C ARG B 431 -8.20 -24.10 1.12
N LEU B 432 -9.02 -24.27 0.05
CA LEU B 432 -8.54 -24.35 -1.35
C LEU B 432 -9.11 -23.24 -2.16
N ASN B 433 -8.43 -22.86 -3.23
CA ASN B 433 -8.93 -21.78 -4.07
C ASN B 433 -9.87 -22.27 -5.16
N GLY B 434 -11.02 -21.62 -5.27
CA GLY B 434 -11.98 -21.92 -6.32
C GLY B 434 -11.53 -21.24 -7.60
N LEU B 435 -11.59 -21.98 -8.72
CA LEU B 435 -11.20 -21.49 -10.04
C LEU B 435 -12.32 -21.80 -11.00
N HIS B 436 -12.53 -20.91 -11.95
CA HIS B 436 -13.53 -21.09 -13.00
C HIS B 436 -12.79 -20.97 -14.30
N ARG B 437 -13.43 -21.24 -15.45
CA ARG B 437 -12.84 -21.15 -16.80
C ARG B 437 -11.49 -21.89 -16.98
N PRO B 438 -11.38 -23.22 -16.77
CA PRO B 438 -12.42 -24.21 -16.43
C PRO B 438 -12.71 -24.35 -14.92
N PRO B 439 -13.85 -24.96 -14.52
CA PRO B 439 -14.06 -25.21 -13.10
C PRO B 439 -12.94 -26.15 -12.62
N ALA B 440 -12.30 -25.81 -11.50
CA ALA B 440 -11.19 -26.52 -10.86
C ALA B 440 -10.88 -25.88 -9.49
N PHE B 441 -10.04 -26.54 -8.67
CA PHE B 441 -9.57 -25.99 -7.40
C PHE B 441 -8.04 -26.03 -7.43
N HIS B 442 -7.35 -25.08 -6.79
CA HIS B 442 -5.89 -25.15 -6.78
C HIS B 442 -5.33 -25.21 -5.36
N VAL B 443 -4.16 -25.82 -5.23
CA VAL B 443 -3.42 -25.95 -4.00
C VAL B 443 -2.05 -25.33 -4.24
N ALA B 444 -1.76 -24.24 -3.50
CA ALA B 444 -0.47 -23.58 -3.58
C ALA B 444 0.29 -24.15 -2.41
N LEU B 445 1.23 -25.04 -2.71
CA LEU B 445 2.01 -25.69 -1.67
C LEU B 445 2.98 -24.73 -1.03
N THR B 446 3.06 -24.73 0.32
CA THR B 446 3.95 -23.88 1.14
C THR B 446 4.71 -24.77 2.13
N LEU B 447 5.53 -24.16 3.02
CA LEU B 447 6.31 -24.92 4.03
C LEU B 447 5.45 -25.70 5.03
N ARG B 448 4.20 -25.24 5.27
CA ARG B 448 3.25 -25.91 6.19
C ARG B 448 2.81 -27.26 5.59
N HIS B 449 2.83 -27.39 4.25
CA HIS B 449 2.49 -28.62 3.55
C HIS B 449 3.65 -29.64 3.54
N THR B 450 4.88 -29.17 3.84
CA THR B 450 6.10 -30.01 3.86
C THR B 450 6.29 -30.74 5.21
N GLU B 451 5.45 -30.40 6.23
CA GLU B 451 5.45 -31.02 7.57
C GLU B 451 5.00 -32.51 7.45
N PRO B 452 5.36 -33.41 8.38
CA PRO B 452 5.00 -34.84 8.19
C PRO B 452 3.50 -35.15 8.10
N GLY B 453 3.17 -35.99 7.13
CA GLY B 453 1.82 -36.48 6.85
C GLY B 453 0.80 -35.51 6.29
N VAL B 454 1.19 -34.24 6.03
CA VAL B 454 0.26 -33.22 5.51
C VAL B 454 -0.29 -33.63 4.12
N VAL B 455 0.62 -34.01 3.21
CA VAL B 455 0.34 -34.40 1.82
C VAL B 455 -0.40 -35.73 1.81
N ASP B 456 0.05 -36.69 2.64
CA ASP B 456 -0.57 -38.01 2.78
C ASP B 456 -2.04 -37.87 3.15
N ARG B 457 -2.32 -37.01 4.18
CA ARG B 457 -3.65 -36.65 4.69
C ARG B 457 -4.54 -36.05 3.57
N PHE B 458 -3.99 -35.08 2.80
CA PHE B 458 -4.64 -34.43 1.65
C PHE B 458 -5.20 -35.46 0.67
N LEU B 459 -4.34 -36.43 0.28
CA LEU B 459 -4.66 -37.49 -0.66
C LEU B 459 -5.66 -38.49 -0.12
N ALA B 460 -5.68 -38.72 1.21
CA ALA B 460 -6.64 -39.63 1.84
C ALA B 460 -8.00 -38.96 1.77
N ASP B 461 -8.05 -37.69 2.19
CA ASP B 461 -9.21 -36.81 2.16
C ASP B 461 -9.74 -36.63 0.73
N LEU B 462 -8.83 -36.51 -0.27
CA LEU B 462 -9.14 -36.38 -1.69
C LEU B 462 -9.70 -37.68 -2.27
N GLN B 463 -9.09 -38.86 -1.92
CA GLN B 463 -9.59 -40.18 -2.33
C GLN B 463 -11.00 -40.36 -1.77
N ASP B 464 -11.23 -39.97 -0.50
CA ASP B 464 -12.56 -40.00 0.11
C ASP B 464 -13.52 -39.04 -0.60
N ALA B 465 -13.10 -37.78 -0.85
CA ALA B 465 -13.90 -36.77 -1.57
C ALA B 465 -14.41 -37.32 -2.91
N VAL B 466 -13.51 -37.91 -3.73
CA VAL B 466 -13.85 -38.49 -5.04
C VAL B 466 -14.84 -39.67 -4.89
N ALA B 467 -14.63 -40.52 -3.88
CA ALA B 467 -15.48 -41.67 -3.58
C ALA B 467 -16.93 -41.25 -3.41
N GLN B 468 -17.15 -40.20 -2.58
CA GLN B 468 -18.47 -39.64 -2.26
C GLN B 468 -19.15 -39.06 -3.48
N VAL B 469 -18.50 -38.12 -4.19
CA VAL B 469 -19.05 -37.46 -5.38
C VAL B 469 -19.37 -38.49 -6.48
N ARG B 470 -18.53 -39.52 -6.65
CA ARG B 470 -18.76 -40.58 -7.64
C ARG B 470 -20.06 -41.35 -7.33
N ALA B 471 -20.40 -41.54 -6.04
CA ALA B 471 -21.63 -42.20 -5.60
C ALA B 471 -22.85 -41.29 -5.82
N HIS B 472 -22.69 -39.96 -5.60
CA HIS B 472 -23.75 -38.94 -5.71
C HIS B 472 -23.41 -37.82 -6.72
N PRO B 473 -23.51 -38.08 -8.05
CA PRO B 473 -23.15 -37.05 -9.06
C PRO B 473 -23.99 -35.76 -9.06
N GLU B 474 -25.17 -35.75 -8.43
CA GLU B 474 -26.03 -34.58 -8.39
C GLU B 474 -25.84 -33.74 -7.10
N LYS B 475 -25.03 -34.25 -6.13
CA LYS B 475 -24.74 -33.54 -4.89
C LYS B 475 -24.11 -32.13 -5.15
N ALA B 476 -24.72 -31.10 -4.52
CA ALA B 476 -24.33 -29.70 -4.60
C ALA B 476 -24.60 -29.05 -3.23
N THR B 477 -23.74 -29.36 -2.26
CA THR B 477 -23.88 -28.87 -0.87
C THR B 477 -22.90 -27.75 -0.52
N GLY B 478 -23.13 -27.12 0.63
CA GLY B 478 -22.31 -26.04 1.15
C GLY B 478 -22.05 -24.95 0.13
N MET B 479 -20.77 -24.65 -0.11
CA MET B 479 -20.39 -23.62 -1.08
C MET B 479 -20.37 -24.12 -2.55
N ALA B 480 -20.38 -25.45 -2.80
CA ALA B 480 -20.36 -26.02 -4.15
C ALA B 480 -21.40 -25.40 -5.14
N PRO B 481 -22.73 -25.20 -4.81
CA PRO B 481 -23.63 -24.58 -5.80
C PRO B 481 -23.39 -23.07 -5.98
N VAL B 482 -22.75 -22.41 -4.98
CA VAL B 482 -22.41 -20.98 -5.02
C VAL B 482 -21.37 -20.75 -6.15
N TYR B 483 -20.30 -21.60 -6.18
CA TYR B 483 -19.23 -21.62 -7.21
C TYR B 483 -19.83 -22.01 -8.56
N GLY B 484 -20.66 -23.05 -8.54
CA GLY B 484 -21.37 -23.52 -9.72
C GLY B 484 -22.15 -22.41 -10.39
N MET B 485 -22.95 -21.64 -9.59
CA MET B 485 -23.74 -20.50 -10.06
C MET B 485 -22.82 -19.45 -10.70
N ALA B 486 -21.75 -19.04 -9.96
CA ALA B 486 -20.74 -18.05 -10.36
C ALA B 486 -19.97 -18.35 -11.67
N ALA B 487 -19.73 -19.65 -11.96
CA ALA B 487 -19.07 -20.11 -13.19
C ALA B 487 -20.05 -20.10 -14.37
N ALA B 488 -21.38 -20.10 -14.09
CA ALA B 488 -22.45 -20.10 -15.09
C ALA B 488 -23.12 -18.73 -15.30
N ALA B 489 -23.10 -17.88 -14.26
CA ALA B 489 -23.69 -16.55 -14.15
C ALA B 489 -23.28 -15.53 -15.22
N PRO B 490 -24.16 -14.53 -15.57
CA PRO B 490 -23.75 -13.46 -16.50
C PRO B 490 -22.82 -12.46 -15.77
N PRO B 491 -21.93 -11.71 -16.49
CA PRO B 491 -20.98 -10.80 -15.79
C PRO B 491 -21.61 -9.77 -14.88
N GLU B 492 -22.73 -9.17 -15.33
CA GLU B 492 -23.49 -8.16 -14.60
C GLU B 492 -23.89 -8.67 -13.22
N LEU B 493 -24.29 -9.94 -13.13
CA LEU B 493 -24.68 -10.59 -11.88
C LEU B 493 -23.45 -10.87 -10.99
N VAL B 494 -22.31 -11.27 -11.60
CA VAL B 494 -21.05 -11.54 -10.87
C VAL B 494 -20.58 -10.22 -10.21
N ARG B 495 -20.68 -9.11 -10.96
CA ARG B 495 -20.36 -7.76 -10.49
C ARG B 495 -21.19 -7.43 -9.25
N GLN B 496 -22.54 -7.59 -9.36
CA GLN B 496 -23.51 -7.31 -8.30
C GLN B 496 -23.32 -8.16 -7.00
N VAL B 497 -23.10 -9.48 -7.12
CA VAL B 497 -22.89 -10.39 -5.97
C VAL B 497 -21.55 -10.09 -5.26
N SER B 498 -20.52 -9.72 -6.05
CA SER B 498 -19.21 -9.38 -5.51
C SER B 498 -19.23 -8.04 -4.77
N THR B 499 -19.98 -7.05 -5.30
CA THR B 499 -20.14 -5.72 -4.68
C THR B 499 -20.81 -5.86 -3.29
N GLY B 500 -21.83 -6.73 -3.23
CA GLY B 500 -22.60 -7.03 -2.04
C GLY B 500 -21.76 -7.74 -1.00
N PHE B 501 -20.77 -8.52 -1.46
CA PHE B 501 -19.80 -9.26 -0.63
C PHE B 501 -18.82 -8.28 0.03
N ILE B 502 -18.36 -7.25 -0.75
CA ILE B 502 -17.47 -6.20 -0.24
C ILE B 502 -18.24 -5.39 0.80
N ASP B 503 -19.51 -5.05 0.49
CA ASP B 503 -20.39 -4.37 1.46
C ASP B 503 -20.57 -5.26 2.69
N LEU B 504 -20.93 -6.55 2.51
CA LEU B 504 -21.07 -7.58 3.57
C LEU B 504 -19.89 -7.53 4.52
N LEU B 505 -18.66 -7.57 3.94
CA LEU B 505 -17.39 -7.50 4.66
C LEU B 505 -17.26 -6.26 5.56
N TYR B 506 -17.82 -5.11 5.11
CA TYR B 506 -17.78 -3.83 5.83
C TYR B 506 -19.10 -3.51 6.52
N GLU B 507 -19.79 -4.55 7.04
CA GLU B 507 -21.06 -4.39 7.75
C GLU B 507 -20.83 -4.50 9.23
N VAL B 508 -21.44 -3.59 10.02
CA VAL B 508 -21.39 -3.63 11.49
C VAL B 508 -22.85 -3.85 11.99
N HIS B 509 -23.15 -5.10 12.40
CA HIS B 509 -24.45 -5.55 12.90
C HIS B 509 -24.26 -6.56 14.05
#